data_2IEJ
#
_entry.id   2IEJ
#
_cell.length_a   178.253
_cell.length_b   178.253
_cell.length_c   64.661
_cell.angle_alpha   90.00
_cell.angle_beta   90.00
_cell.angle_gamma   120.00
#
_symmetry.space_group_name_H-M   'P 61'
#
loop_
_entity.id
_entity.type
_entity.pdbx_description
1 polymer 'Protein farnesyltransferase/geranylgeranyltransferase type I alpha subunit'
2 polymer 'Protein farnesyltransferase subunit beta'
3 branched beta-D-fructofuranose-(2-1)-alpha-D-glucopyranose
4 non-polymer 'ACETATE ION'
5 non-polymer 'ZINC ION'
6 non-polymer 'METHYL N-{(3S)-1-[(1-METHYL-1H-IMIDAZOL-5-YL)METHYL]-6-PHENYL-1,2,3,4-TETRAHYDROQUINOLIN-3-YL}-N-[(1-METHYL-1H-IMIDAZOL-4-YL)SULFONYL]GLYCINATE'
7 non-polymer '[(3,7,11-TRIMETHYL-DODECA-2,6,10-TRIENYLOXYCARBAMOYL)-METHYL]-PHOSPHONIC ACID'
8 water water
#
loop_
_entity_poly.entity_id
_entity_poly.type
_entity_poly.pdbx_seq_one_letter_code
_entity_poly.pdbx_strand_id
1 'polypeptide(L)'
;MAATEGVGEAAQGGEPGQPAQPPPQPHPPPPQQQHKEEMAAEAGEAVASPMDDGFVSLDSPSYVLYRDRAEWADIDPVPQ
NDGPNPVVQIIYSDKFRDVYDYFRAVLQRDERSERAFKLTRDAIELNAANYTVWHFRRVLLKSLQKDLHEEMNYITAIIE
EQPKNYQVWHHRRVLVEWLRDPSQELEFIADILNQDAKNYHAWQHRQWVIQEFKLWDNELQYVDQLLKEDVRNNSVWNQR
YFVISNTTGYNDRAVLEREVQYTLEMIKLVPHNESAWNYLKGILQDRGLSKYPNLLNQLLDLQPSHSSPYLIAFLVDIYE
DMLENQCDNKEDILNKALELCEILAKEKDTIRKEYWRYIGRSLQSKHSTENDSPTNVQQEEF
;
A
2 'polypeptide(L)'
;MASPSSFTYYCPPSSSPVWSEPLYSLRPEHARERLQDDSVETVTSIEQAKVEEKIQEVFSSYKFNHLVPRLVLQREKHFH
YLKRGLRQLTDAYECLDASRPWLCYWILHSLELLDEPIPQIVATDVCQFLELCQSPEGGFGGGPGQYPHLAPTYAAVNAL
CIIGTEEAYDIINREKLLQYLYSLKQPDGSFLMHVGGEVDVRSAYCAASVASLTNIITPDLFEGTAEWIARCQNWEGGIG
GVPGMEAHGGYTFCGLAALVILKRERSLNLKSLLQWVTSRQMRFEGGFQGRCNKLVDGCYSFWQAGLLPLLHRALHAQGD
PALSMSHWMFHQQALQEYILMCCQCPAGGLLDKPGKSRDFYHTCYCLSGLSIAQHFGSGAMLHDVVLGVPENALQPTHPV
YNIGPDKVIQATTYFLQKPVPGFEELKDETSAEPATD
;
B
#
loop_
_chem_comp.id
_chem_comp.type
_chem_comp.name
_chem_comp.formula
ACT non-polymer 'ACETATE ION' 'C2 H3 O2 -1'
FII non-polymer '[(3,7,11-TRIMETHYL-DODECA-2,6,10-TRIENYLOXYCARBAMOYL)-METHYL]-PHOSPHONIC ACID' 'C17 H30 N O5 P'
FRU D-saccharide, beta linking beta-D-fructofuranose 'C6 H12 O6'
GLC D-saccharide, alpha linking alpha-D-glucopyranose 'C6 H12 O6'
S48 non-polymer 'METHYL N-{(3S)-1-[(1-METHYL-1H-IMIDAZOL-5-YL)METHYL]-6-PHENYL-1,2,3,4-TETRAHYDROQUINOLIN-3-YL}-N-[(1-METHYL-1H-IMIDAZOL-4-YL)SULFONYL]GLYCINATE' 'C27 H30 N6 O4 S'
ZN non-polymer 'ZINC ION' 'Zn 2'
#
# COMPACT_ATOMS: atom_id res chain seq x y z
N PHE A 55 2.43 12.26 -35.15
CA PHE A 55 1.86 12.73 -36.45
C PHE A 55 0.55 13.49 -36.28
N VAL A 56 -0.53 12.76 -35.98
CA VAL A 56 -1.76 13.37 -35.48
C VAL A 56 -2.08 12.78 -34.13
N SER A 57 -2.39 13.64 -33.17
CA SER A 57 -2.81 13.24 -31.84
C SER A 57 -4.26 12.73 -31.82
N LEU A 58 -4.57 11.92 -30.82
CA LEU A 58 -5.89 11.32 -30.58
C LEU A 58 -7.04 12.33 -30.47
N ASP A 59 -6.76 13.53 -29.96
CA ASP A 59 -7.80 14.57 -29.85
C ASP A 59 -7.70 15.67 -30.91
N SER A 60 -6.78 15.50 -31.85
CA SER A 60 -6.63 16.45 -32.96
C SER A 60 -7.89 16.46 -33.83
N PRO A 61 -8.29 17.65 -34.33
CA PRO A 61 -9.47 17.73 -35.21
C PRO A 61 -9.35 16.86 -36.46
N SER A 62 -8.13 16.66 -36.96
CA SER A 62 -7.91 15.86 -38.17
C SER A 62 -7.61 14.38 -37.92
N TYR A 63 -7.76 13.91 -36.68
CA TYR A 63 -7.52 12.49 -36.37
C TYR A 63 -8.47 11.60 -37.18
N VAL A 64 -7.94 10.50 -37.69
CA VAL A 64 -8.70 9.51 -38.44
C VAL A 64 -8.53 8.13 -37.77
N LEU A 65 -9.63 7.39 -37.61
CA LEU A 65 -9.58 6.02 -37.10
C LEU A 65 -8.68 5.16 -37.96
N TYR A 66 -7.98 4.23 -37.33
CA TYR A 66 -7.06 3.36 -38.03
C TYR A 66 -7.76 2.53 -39.12
N ARG A 67 -9.01 2.17 -38.86
CA ARG A 67 -9.79 1.38 -39.83
C ARG A 67 -10.05 2.16 -41.13
N ASP A 68 -9.85 3.48 -41.06
CA ASP A 68 -10.07 4.39 -42.21
C ASP A 68 -8.78 4.87 -42.86
N ARG A 69 -7.64 4.38 -42.38
CA ARG A 69 -6.33 4.83 -42.87
C ARG A 69 -5.78 3.94 -43.98
N ALA A 70 -5.55 4.53 -45.15
CA ALA A 70 -5.07 3.79 -46.33
C ALA A 70 -3.77 3.03 -46.05
N GLU A 71 -2.87 3.66 -45.30
CA GLU A 71 -1.58 3.06 -44.94
C GLU A 71 -1.68 1.89 -43.96
N TRP A 72 -2.89 1.63 -43.45
CA TRP A 72 -3.16 0.49 -42.57
C TRP A 72 -4.07 -0.55 -43.24
N ALA A 73 -4.42 -0.34 -44.52
CA ALA A 73 -5.43 -1.18 -45.19
C ALA A 73 -5.02 -2.63 -45.36
N ASP A 74 -3.72 -2.89 -45.40
CA ASP A 74 -3.20 -4.23 -45.67
C ASP A 74 -3.27 -5.17 -44.44
N ILE A 75 -3.50 -4.62 -43.25
CA ILE A 75 -3.53 -5.46 -42.05
C ILE A 75 -4.94 -5.49 -41.45
N ASP A 76 -5.42 -6.69 -41.16
CA ASP A 76 -6.75 -6.86 -40.57
C ASP A 76 -6.67 -6.63 -39.06
N PRO A 77 -7.62 -5.85 -38.51
CA PRO A 77 -7.62 -5.65 -37.06
C PRO A 77 -7.96 -6.95 -36.32
N VAL A 78 -7.50 -7.07 -35.07
CA VAL A 78 -7.82 -8.24 -34.26
C VAL A 78 -8.70 -7.82 -33.07
N PRO A 79 -10.00 -8.19 -33.12
CA PRO A 79 -10.89 -7.87 -32.01
C PRO A 79 -10.53 -8.63 -30.72
N GLN A 80 -10.91 -8.04 -29.60
CA GLN A 80 -10.70 -8.69 -28.32
C GLN A 80 -11.79 -9.75 -28.13
N ASN A 81 -11.38 -10.98 -27.85
CA ASN A 81 -12.36 -12.00 -27.50
C ASN A 81 -12.57 -12.05 -25.98
N ASP A 82 -13.73 -11.58 -25.54
CA ASP A 82 -14.08 -11.56 -24.13
C ASP A 82 -14.91 -12.80 -23.76
N GLY A 83 -15.14 -13.65 -24.74
CA GLY A 83 -15.93 -14.87 -24.51
C GLY A 83 -17.40 -14.62 -24.80
N PRO A 84 -18.20 -15.71 -24.88
CA PRO A 84 -19.61 -15.59 -25.22
C PRO A 84 -20.48 -14.94 -24.13
N ASN A 85 -20.02 -14.99 -22.86
CA ASN A 85 -20.79 -14.41 -21.73
C ASN A 85 -19.88 -13.52 -20.89
N PRO A 86 -19.57 -12.32 -21.40
CA PRO A 86 -18.54 -11.47 -20.80
C PRO A 86 -18.79 -11.02 -19.35
N VAL A 87 -17.69 -10.81 -18.65
CA VAL A 87 -17.71 -10.24 -17.31
C VAL A 87 -16.77 -9.06 -17.28
N VAL A 88 -17.00 -8.17 -16.32
CA VAL A 88 -16.31 -6.88 -16.19
C VAL A 88 -15.99 -6.31 -17.57
N GLN A 89 -17.02 -6.28 -18.43
CA GLN A 89 -16.86 -5.95 -19.84
C GLN A 89 -16.97 -4.46 -20.04
N ILE A 90 -15.88 -3.85 -20.50
CA ILE A 90 -15.85 -2.40 -20.67
C ILE A 90 -16.37 -2.08 -22.06
N ILE A 91 -17.42 -1.26 -22.14
CA ILE A 91 -17.98 -0.89 -23.44
C ILE A 91 -17.15 0.26 -23.99
N TYR A 92 -16.10 -0.10 -24.72
CA TYR A 92 -15.13 0.90 -25.14
C TYR A 92 -15.75 1.93 -26.09
N SER A 93 -15.20 3.14 -26.07
CA SER A 93 -15.47 4.09 -27.15
C SER A 93 -14.99 3.51 -28.48
N ASP A 94 -15.56 4.02 -29.57
CA ASP A 94 -15.13 3.62 -30.91
C ASP A 94 -13.62 3.87 -31.10
N LYS A 95 -13.14 5.03 -30.66
CA LYS A 95 -11.73 5.43 -30.81
C LYS A 95 -10.80 4.47 -30.06
N PHE A 96 -11.19 4.14 -28.83
CA PHE A 96 -10.41 3.20 -28.00
C PHE A 96 -10.33 1.83 -28.65
N ARG A 97 -11.48 1.25 -28.99
CA ARG A 97 -11.51 -0.06 -29.61
C ARG A 97 -10.75 -0.11 -30.93
N ASP A 98 -10.88 0.93 -31.75
CA ASP A 98 -10.17 1.02 -33.02
C ASP A 98 -8.64 0.92 -32.82
N VAL A 99 -8.09 1.73 -31.91
CA VAL A 99 -6.65 1.69 -31.66
C VAL A 99 -6.23 0.30 -31.15
N TYR A 100 -7.01 -0.26 -30.23
CA TYR A 100 -6.59 -1.52 -29.60
C TYR A 100 -6.77 -2.76 -30.51
N ASP A 101 -7.75 -2.69 -31.41
CA ASP A 101 -7.90 -3.70 -32.45
C ASP A 101 -6.67 -3.75 -33.38
N TYR A 102 -6.14 -2.59 -33.76
CA TYR A 102 -4.91 -2.53 -34.57
C TYR A 102 -3.67 -2.84 -33.73
N PHE A 103 -3.69 -2.43 -32.46
CA PHE A 103 -2.59 -2.84 -31.60
C PHE A 103 -2.51 -4.36 -31.49
N ARG A 104 -3.65 -5.02 -31.24
CA ARG A 104 -3.66 -6.48 -31.16
C ARG A 104 -3.14 -7.12 -32.46
N ALA A 105 -3.44 -6.48 -33.59
CA ALA A 105 -2.98 -6.98 -34.90
C ALA A 105 -1.46 -6.91 -35.03
N VAL A 106 -0.86 -5.77 -34.69
CA VAL A 106 0.60 -5.61 -34.80
C VAL A 106 1.32 -6.51 -33.79
N LEU A 107 0.74 -6.65 -32.60
CA LEU A 107 1.32 -7.48 -31.55
C LEU A 107 1.34 -8.95 -31.98
N GLN A 108 0.21 -9.42 -32.51
CA GLN A 108 0.06 -10.80 -32.96
C GLN A 108 1.05 -11.14 -34.08
N ARG A 109 1.29 -10.18 -34.97
CA ARG A 109 2.21 -10.35 -36.11
C ARG A 109 3.65 -10.08 -35.73
N ASP A 110 3.87 -9.51 -34.56
CA ASP A 110 5.17 -9.01 -34.13
C ASP A 110 5.76 -8.07 -35.20
N GLU A 111 4.92 -7.14 -35.66
CA GLU A 111 5.32 -6.21 -36.69
C GLU A 111 6.16 -5.11 -36.08
N ARG A 112 7.46 -5.14 -36.39
CA ARG A 112 8.39 -4.13 -35.90
C ARG A 112 8.54 -3.00 -36.92
N SER A 113 7.56 -2.11 -36.97
CA SER A 113 7.52 -1.07 -37.98
C SER A 113 7.38 0.31 -37.38
N GLU A 114 7.73 1.32 -38.18
CA GLU A 114 7.46 2.70 -37.83
C GLU A 114 5.96 2.94 -37.62
N ARG A 115 5.09 2.32 -38.44
CA ARG A 115 3.66 2.52 -38.22
C ARG A 115 3.20 1.96 -36.87
N ALA A 116 3.67 0.76 -36.51
CA ALA A 116 3.38 0.17 -35.18
C ALA A 116 3.90 1.07 -34.03
N PHE A 117 5.11 1.60 -34.20
CA PHE A 117 5.67 2.57 -33.24
C PHE A 117 4.76 3.77 -32.99
N LYS A 118 4.26 4.39 -34.07
CA LYS A 118 3.37 5.54 -33.89
C LYS A 118 2.05 5.15 -33.25
N LEU A 119 1.57 3.97 -33.61
CA LEU A 119 0.34 3.42 -33.06
C LEU A 119 0.44 3.27 -31.53
N THR A 120 1.56 2.77 -31.03
CA THR A 120 1.75 2.67 -29.55
C THR A 120 1.56 4.01 -28.82
N ARG A 121 1.95 5.13 -29.44
CA ARG A 121 1.73 6.45 -28.80
C ARG A 121 0.24 6.72 -28.53
N ASP A 122 -0.60 6.36 -29.51
CA ASP A 122 -2.05 6.49 -29.33
C ASP A 122 -2.63 5.52 -28.28
N ALA A 123 -2.15 4.28 -28.31
CA ALA A 123 -2.59 3.27 -27.34
C ALA A 123 -2.26 3.73 -25.93
N ILE A 124 -1.06 4.30 -25.76
CA ILE A 124 -0.65 4.87 -24.48
C ILE A 124 -1.53 6.04 -24.04
N GLU A 125 -1.85 6.97 -24.96
CA GLU A 125 -2.73 8.09 -24.60
C GLU A 125 -4.08 7.58 -24.10
N LEU A 126 -4.58 6.51 -24.71
CA LEU A 126 -5.86 5.92 -24.33
C LEU A 126 -5.82 5.21 -22.98
N ASN A 127 -4.70 4.52 -22.70
CA ASN A 127 -4.52 3.90 -21.39
C ASN A 127 -3.03 3.75 -21.05
N ALA A 128 -2.49 4.74 -20.36
CA ALA A 128 -1.05 4.76 -20.06
C ALA A 128 -0.65 3.70 -19.02
N ALA A 129 -1.62 3.01 -18.43
CA ALA A 129 -1.33 1.88 -17.53
C ALA A 129 -1.21 0.54 -18.28
N ASN A 130 -1.40 0.56 -19.61
CA ASN A 130 -1.22 -0.66 -20.40
C ASN A 130 0.27 -1.05 -20.57
N TYR A 131 0.74 -1.92 -19.67
CA TYR A 131 2.16 -2.31 -19.63
C TYR A 131 2.57 -3.14 -20.84
N THR A 132 1.61 -3.82 -21.48
CA THR A 132 1.89 -4.59 -22.70
C THR A 132 2.32 -3.63 -23.83
N VAL A 133 1.57 -2.54 -23.98
CA VAL A 133 1.87 -1.53 -24.99
C VAL A 133 3.25 -0.91 -24.72
N TRP A 134 3.50 -0.53 -23.46
CA TRP A 134 4.81 0.06 -23.14
C TRP A 134 5.98 -0.89 -23.48
N HIS A 135 5.82 -2.17 -23.14
CA HIS A 135 6.85 -3.17 -23.45
C HIS A 135 7.08 -3.28 -24.94
N PHE A 136 5.99 -3.34 -25.71
CA PHE A 136 6.12 -3.40 -27.17
C PHE A 136 6.79 -2.14 -27.71
N ARG A 137 6.44 -0.98 -27.19
CA ARG A 137 7.09 0.26 -27.60
C ARG A 137 8.61 0.20 -27.41
N ARG A 138 9.06 -0.37 -26.29
CA ARG A 138 10.51 -0.54 -26.05
C ARG A 138 11.16 -1.53 -27.03
N VAL A 139 10.45 -2.61 -27.35
CA VAL A 139 10.93 -3.55 -28.38
C VAL A 139 11.16 -2.82 -29.71
N LEU A 140 10.20 -1.95 -30.07
CA LEU A 140 10.32 -1.11 -31.28
C LEU A 140 11.41 -0.06 -31.21
N LEU A 141 11.56 0.61 -30.07
CA LEU A 141 12.64 1.59 -29.89
C LEU A 141 13.99 0.97 -30.26
N LYS A 142 14.22 -0.25 -29.78
CA LYS A 142 15.44 -1.00 -30.09
C LYS A 142 15.51 -1.49 -31.53
N SER A 143 14.47 -2.19 -31.98
CA SER A 143 14.41 -2.75 -33.35
C SER A 143 14.58 -1.71 -34.43
N LEU A 144 14.02 -0.52 -34.21
CA LEU A 144 14.01 0.54 -35.22
C LEU A 144 15.15 1.51 -35.01
N GLN A 145 15.95 1.26 -33.98
CA GLN A 145 17.03 2.18 -33.59
C GLN A 145 16.56 3.63 -33.51
N LYS A 146 15.46 3.84 -32.78
CA LYS A 146 14.89 5.17 -32.62
C LYS A 146 15.79 6.09 -31.82
N ASP A 147 15.75 7.39 -32.10
CA ASP A 147 16.51 8.39 -31.33
C ASP A 147 15.98 8.42 -29.90
N LEU A 148 16.81 8.03 -28.94
CA LEU A 148 16.40 7.97 -27.53
C LEU A 148 16.27 9.33 -26.85
N HIS A 149 16.94 10.36 -27.36
CA HIS A 149 16.77 11.71 -26.83
C HIS A 149 15.41 12.27 -27.21
N GLU A 150 14.94 11.94 -28.40
CA GLU A 150 13.57 12.27 -28.80
C GLU A 150 12.58 11.53 -27.91
N GLU A 151 12.91 10.28 -27.58
CA GLU A 151 12.04 9.48 -26.72
C GLU A 151 12.03 10.02 -25.28
N MET A 152 13.17 10.54 -24.82
CA MET A 152 13.24 11.23 -23.53
C MET A 152 12.34 12.47 -23.48
N ASN A 153 12.27 13.22 -24.58
CA ASN A 153 11.37 14.37 -24.65
C ASN A 153 9.92 13.94 -24.57
N TYR A 154 9.61 12.82 -25.23
CA TYR A 154 8.28 12.25 -25.17
C TYR A 154 7.89 11.83 -23.73
N ILE A 155 8.71 10.99 -23.09
CA ILE A 155 8.41 10.55 -21.72
C ILE A 155 8.34 11.72 -20.72
N THR A 156 9.14 12.76 -20.96
CA THR A 156 9.07 13.97 -20.13
C THR A 156 7.68 14.57 -20.16
N ALA A 157 7.13 14.73 -21.37
CA ALA A 157 5.78 15.27 -21.55
C ALA A 157 4.72 14.38 -20.88
N ILE A 158 4.83 13.08 -21.12
CA ILE A 158 3.89 12.08 -20.61
C ILE A 158 3.83 12.07 -19.07
N ILE A 159 5.01 12.05 -18.43
CA ILE A 159 5.08 12.04 -16.96
C ILE A 159 4.50 13.32 -16.38
N GLU A 160 4.79 14.47 -17.00
CA GLU A 160 4.19 15.74 -16.59
C GLU A 160 2.65 15.65 -16.56
N GLU A 161 2.07 14.93 -17.51
CA GLU A 161 0.62 14.78 -17.61
C GLU A 161 0.06 13.76 -16.63
N GLN A 162 0.80 12.68 -16.44
CA GLN A 162 0.37 11.54 -15.62
C GLN A 162 1.51 11.07 -14.71
N PRO A 163 1.84 11.88 -13.69
CA PRO A 163 2.99 11.57 -12.83
C PRO A 163 2.75 10.46 -11.79
N LYS A 164 1.49 10.05 -11.60
CA LYS A 164 1.15 8.98 -10.66
C LYS A 164 0.83 7.68 -11.41
N ASN A 165 1.87 7.10 -12.00
CA ASN A 165 1.70 5.96 -12.89
C ASN A 165 3.04 5.24 -12.89
N TYR A 166 3.02 3.91 -12.68
CA TYR A 166 4.25 3.13 -12.60
C TYR A 166 4.97 3.01 -13.96
N GLN A 167 4.19 2.87 -15.03
CA GLN A 167 4.76 2.51 -16.34
C GLN A 167 5.62 3.62 -16.91
N VAL A 168 5.18 4.86 -16.69
CA VAL A 168 5.86 6.04 -17.29
C VAL A 168 7.23 6.27 -16.63
N TRP A 169 7.28 6.06 -15.32
CA TRP A 169 8.54 6.18 -14.59
C TRP A 169 9.49 5.06 -14.98
N HIS A 170 8.97 3.83 -15.12
CA HIS A 170 9.82 2.70 -15.49
C HIS A 170 10.39 2.91 -16.88
N HIS A 171 9.55 3.38 -17.79
CA HIS A 171 10.01 3.67 -19.16
C HIS A 171 11.17 4.68 -19.15
N ARG A 172 11.02 5.76 -18.40
CA ARG A 172 12.09 6.77 -18.25
C ARG A 172 13.39 6.15 -17.73
N ARG A 173 13.29 5.33 -16.67
CA ARG A 173 14.46 4.63 -16.14
C ARG A 173 15.16 3.77 -17.20
N VAL A 174 14.38 3.04 -18.01
CA VAL A 174 14.99 2.20 -19.05
C VAL A 174 15.78 3.07 -20.03
N LEU A 175 15.21 4.22 -20.40
CA LEU A 175 15.85 5.18 -21.31
C LEU A 175 17.17 5.72 -20.76
N VAL A 176 17.14 6.15 -19.49
CA VAL A 176 18.35 6.61 -18.82
C VAL A 176 19.41 5.49 -18.74
N GLU A 177 19.00 4.27 -18.40
CA GLU A 177 19.89 3.10 -18.44
C GLU A 177 20.50 2.90 -19.82
N TRP A 178 19.68 2.99 -20.86
CA TRP A 178 20.16 2.76 -22.22
C TRP A 178 21.13 3.85 -22.66
N LEU A 179 20.83 5.10 -22.31
CA LEU A 179 21.66 6.23 -22.71
C LEU A 179 22.88 6.43 -21.80
N ARG A 180 22.83 5.79 -20.63
CA ARG A 180 23.76 6.10 -19.53
C ARG A 180 23.93 7.62 -19.37
N ASP A 181 22.81 8.33 -19.47
CA ASP A 181 22.79 9.78 -19.44
C ASP A 181 21.79 10.29 -18.39
N PRO A 182 22.29 10.63 -17.18
CA PRO A 182 21.45 11.14 -16.09
C PRO A 182 21.31 12.65 -16.08
N SER A 183 21.84 13.33 -17.10
CA SER A 183 22.00 14.79 -17.04
C SER A 183 20.72 15.62 -16.87
N GLN A 184 19.58 15.10 -17.28
CA GLN A 184 18.32 15.85 -17.15
C GLN A 184 17.52 15.45 -15.92
N GLU A 185 17.94 14.38 -15.25
CA GLU A 185 17.13 13.75 -14.20
C GLU A 185 16.81 14.61 -12.98
N LEU A 186 17.81 15.17 -12.30
CA LEU A 186 17.54 15.89 -11.04
C LEU A 186 16.67 17.11 -11.22
N GLU A 187 16.88 17.85 -12.33
CA GLU A 187 16.05 19.01 -12.66
C GLU A 187 14.60 18.62 -13.04
N PHE A 188 14.47 17.58 -13.85
CA PHE A 188 13.14 17.09 -14.22
C PHE A 188 12.37 16.62 -12.97
N ILE A 189 12.99 15.77 -12.17
CA ILE A 189 12.31 15.28 -10.97
C ILE A 189 11.93 16.45 -10.05
N ALA A 190 12.85 17.40 -9.88
CA ALA A 190 12.58 18.59 -9.08
C ALA A 190 11.34 19.34 -9.61
N ASP A 191 11.13 19.34 -10.93
CA ASP A 191 9.93 19.97 -11.47
C ASP A 191 8.65 19.22 -11.08
N ILE A 192 8.68 17.90 -11.18
CA ILE A 192 7.54 17.07 -10.73
C ILE A 192 7.24 17.30 -9.24
N LEU A 193 8.31 17.29 -8.43
CA LEU A 193 8.21 17.50 -6.97
C LEU A 193 7.76 18.91 -6.61
N ASN A 194 7.97 19.86 -7.51
CA ASN A 194 7.44 21.19 -7.30
C ASN A 194 5.90 21.18 -7.36
N GLN A 195 5.35 20.27 -8.14
CA GLN A 195 3.90 20.15 -8.29
C GLN A 195 3.26 19.25 -7.22
N ASP A 196 3.97 18.21 -6.80
CA ASP A 196 3.54 17.35 -5.68
C ASP A 196 4.80 16.88 -4.96
N ALA A 197 5.08 17.50 -3.81
CA ALA A 197 6.34 17.26 -3.11
C ALA A 197 6.47 15.86 -2.48
N LYS A 198 5.38 15.07 -2.54
CA LYS A 198 5.38 13.73 -1.94
C LYS A 198 5.14 12.60 -2.98
N ASN A 199 5.27 12.92 -4.26
CA ASN A 199 5.05 11.90 -5.29
C ASN A 199 6.05 10.73 -5.10
N TYR A 200 5.52 9.55 -4.78
CA TYR A 200 6.34 8.42 -4.37
C TYR A 200 7.22 7.94 -5.52
N HIS A 201 6.66 7.88 -6.73
CA HIS A 201 7.43 7.48 -7.91
C HIS A 201 8.58 8.42 -8.21
N ALA A 202 8.33 9.72 -8.03
CA ALA A 202 9.35 10.76 -8.28
C ALA A 202 10.54 10.56 -7.32
N TRP A 203 10.24 10.41 -6.03
CA TRP A 203 11.27 10.15 -5.03
C TRP A 203 12.05 8.87 -5.33
N GLN A 204 11.34 7.81 -5.72
CA GLN A 204 11.98 6.53 -5.97
C GLN A 204 12.93 6.64 -7.16
N HIS A 205 12.47 7.32 -8.21
CA HIS A 205 13.30 7.54 -9.40
C HIS A 205 14.56 8.37 -9.06
N ARG A 206 14.38 9.40 -8.23
CA ARG A 206 15.47 10.27 -7.75
C ARG A 206 16.53 9.48 -6.98
N GLN A 207 16.06 8.61 -6.07
CA GLN A 207 16.99 7.72 -5.37
C GLN A 207 17.77 6.82 -6.31
N TRP A 208 17.08 6.24 -7.28
CA TRP A 208 17.75 5.37 -8.24
C TRP A 208 18.84 6.12 -9.02
N VAL A 209 18.48 7.30 -9.54
CA VAL A 209 19.43 8.09 -10.37
C VAL A 209 20.66 8.44 -9.54
N ILE A 210 20.42 8.93 -8.32
CA ILE A 210 21.51 9.35 -7.44
C ILE A 210 22.45 8.19 -7.11
N GLN A 211 21.88 7.03 -6.74
CA GLN A 211 22.68 5.87 -6.38
C GLN A 211 23.40 5.29 -7.59
N GLU A 212 22.69 5.16 -8.71
CA GLU A 212 23.25 4.57 -9.92
C GLU A 212 24.37 5.40 -10.55
N PHE A 213 24.19 6.72 -10.56
CA PHE A 213 25.14 7.63 -11.22
C PHE A 213 26.00 8.43 -10.26
N LYS A 214 25.90 8.09 -8.97
CA LYS A 214 26.69 8.71 -7.91
C LYS A 214 26.56 10.24 -7.90
N LEU A 215 25.31 10.71 -7.88
CA LEU A 215 25.04 12.14 -7.88
C LEU A 215 24.65 12.66 -6.49
N TRP A 216 25.53 12.43 -5.51
CA TRP A 216 25.24 12.78 -4.11
C TRP A 216 25.49 14.23 -3.71
N ASP A 217 26.32 14.93 -4.48
CA ASP A 217 26.95 16.18 -3.99
C ASP A 217 26.00 17.30 -3.57
N ASN A 218 24.87 17.41 -4.25
CA ASN A 218 23.97 18.53 -3.99
C ASN A 218 22.66 18.15 -3.32
N GLU A 219 22.52 16.89 -2.96
CA GLU A 219 21.21 16.42 -2.52
C GLU A 219 20.83 16.85 -1.11
N LEU A 220 21.80 16.93 -0.20
CA LEU A 220 21.49 17.41 1.14
C LEU A 220 21.02 18.87 1.09
N GLN A 221 21.62 19.66 0.20
CA GLN A 221 21.16 21.03 -0.01
C GLN A 221 19.71 21.06 -0.52
N TYR A 222 19.36 20.15 -1.43
CA TYR A 222 17.99 20.05 -1.96
C TYR A 222 16.96 19.67 -0.88
N VAL A 223 17.32 18.67 -0.08
CA VAL A 223 16.59 18.27 1.14
C VAL A 223 16.33 19.47 2.06
N ASP A 224 17.39 20.21 2.37
CA ASP A 224 17.27 21.40 3.20
C ASP A 224 16.28 22.42 2.65
N GLN A 225 16.32 22.66 1.33
CA GLN A 225 15.39 23.61 0.73
CA GLN A 225 15.40 23.57 0.65
C GLN A 225 13.94 23.12 0.87
N LEU A 226 13.68 21.84 0.62
CA LEU A 226 12.33 21.31 0.75
C LEU A 226 11.85 21.24 2.20
N LEU A 227 12.75 21.00 3.15
CA LEU A 227 12.37 21.06 4.58
C LEU A 227 12.04 22.50 5.02
N LYS A 228 12.70 23.48 4.38
CA LYS A 228 12.34 24.87 4.64
C LYS A 228 10.91 25.16 4.14
N GLU A 229 10.56 24.61 2.98
CA GLU A 229 9.23 24.80 2.39
C GLU A 229 8.10 24.11 3.18
N ASP A 230 8.35 22.86 3.58
CA ASP A 230 7.42 22.08 4.38
C ASP A 230 8.20 21.09 5.24
N VAL A 231 8.43 21.49 6.50
CA VAL A 231 9.15 20.67 7.47
C VAL A 231 8.37 19.40 7.87
N ARG A 232 7.09 19.33 7.50
CA ARG A 232 6.28 18.13 7.76
C ARG A 232 6.34 17.09 6.62
N ASN A 233 7.16 17.36 5.60
CA ASN A 233 7.20 16.48 4.43
C ASN A 233 8.05 15.25 4.71
N ASN A 234 7.36 14.16 5.06
CA ASN A 234 8.04 12.95 5.47
C ASN A 234 8.92 12.36 4.37
N SER A 235 8.53 12.57 3.10
CA SER A 235 9.32 12.09 1.97
C SER A 235 10.73 12.69 2.00
N VAL A 236 10.77 13.96 2.43
CA VAL A 236 12.04 14.71 2.53
C VAL A 236 12.93 14.25 3.73
N TRP A 237 12.32 14.01 4.88
CA TRP A 237 13.06 13.41 5.98
C TRP A 237 13.60 12.05 5.57
N ASN A 238 12.82 11.29 4.81
CA ASN A 238 13.32 10.01 4.31
C ASN A 238 14.52 10.22 3.38
N GLN A 239 14.44 11.24 2.55
CA GLN A 239 15.55 11.52 1.63
C GLN A 239 16.79 11.93 2.41
N ARG A 240 16.59 12.67 3.50
CA ARG A 240 17.69 13.08 4.40
C ARG A 240 18.45 11.84 4.92
N TYR A 241 17.73 10.85 5.44
CA TYR A 241 18.36 9.61 5.88
C TYR A 241 19.07 8.91 4.73
N PHE A 242 18.42 8.88 3.58
CA PHE A 242 18.98 8.20 2.41
C PHE A 242 20.33 8.84 2.03
N VAL A 243 20.38 10.17 2.02
CA VAL A 243 21.62 10.87 1.61
C VAL A 243 22.74 10.60 2.61
N ILE A 244 22.45 10.78 3.89
CA ILE A 244 23.49 10.72 4.91
C ILE A 244 24.03 9.29 5.08
N SER A 245 23.13 8.32 5.15
CA SER A 245 23.55 6.93 5.32
C SER A 245 24.44 6.47 4.16
N ASN A 246 24.20 6.99 2.97
CA ASN A 246 24.95 6.59 1.78
C ASN A 246 26.21 7.42 1.48
N THR A 247 26.42 8.49 2.24
CA THR A 247 27.58 9.36 2.06
C THR A 247 28.54 9.22 3.25
N THR A 248 28.33 10.05 4.28
CA THR A 248 29.17 10.04 5.48
C THR A 248 28.85 8.88 6.41
N GLY A 249 27.59 8.41 6.37
CA GLY A 249 27.11 7.49 7.38
C GLY A 249 26.78 8.27 8.65
N TYR A 250 26.21 7.58 9.63
CA TYR A 250 25.87 8.17 10.93
C TYR A 250 26.84 7.73 12.03
N ASN A 251 27.85 6.93 11.66
CA ASN A 251 28.86 6.48 12.63
C ASN A 251 29.84 7.58 13.01
N ASP A 252 30.07 8.51 12.08
CA ASP A 252 30.81 9.72 12.39
C ASP A 252 30.07 10.51 13.46
N ARG A 253 30.67 10.61 14.65
CA ARG A 253 29.96 11.23 15.80
C ARG A 253 29.72 12.73 15.59
N ALA A 254 30.56 13.36 14.79
CA ALA A 254 30.32 14.78 14.45
C ALA A 254 29.06 14.93 13.56
N VAL A 255 28.89 14.01 12.61
CA VAL A 255 27.72 14.01 11.74
C VAL A 255 26.48 13.73 12.59
N LEU A 256 26.55 12.71 13.44
CA LEU A 256 25.40 12.38 14.29
C LEU A 256 24.98 13.55 15.18
N GLU A 257 25.96 14.25 15.76
CA GLU A 257 25.65 15.42 16.57
C GLU A 257 24.97 16.52 15.78
N ARG A 258 25.48 16.79 14.57
CA ARG A 258 24.89 17.78 13.67
C ARG A 258 23.41 17.44 13.41
N GLU A 259 23.14 16.16 13.16
CA GLU A 259 21.79 15.69 12.84
C GLU A 259 20.85 15.76 14.04
N VAL A 260 21.35 15.34 15.21
CA VAL A 260 20.56 15.45 16.45
C VAL A 260 20.22 16.92 16.77
N GLN A 261 21.19 17.83 16.66
CA GLN A 261 20.93 19.26 16.89
C GLN A 261 19.92 19.83 15.90
N TYR A 262 20.09 19.49 14.63
CA TYR A 262 19.24 19.98 13.57
C TYR A 262 17.82 19.53 13.87
N THR A 263 17.67 18.24 14.21
CA THR A 263 16.34 17.70 14.42
C THR A 263 15.67 18.29 15.66
N LEU A 264 16.42 18.44 16.75
CA LEU A 264 15.89 19.05 17.98
C LEU A 264 15.46 20.48 17.75
N GLU A 265 16.21 21.20 16.92
CA GLU A 265 15.80 22.55 16.51
C GLU A 265 14.46 22.55 15.76
N MET A 266 14.27 21.58 14.86
CA MET A 266 13.02 21.49 14.10
C MET A 266 11.85 21.17 15.02
N ILE A 267 12.11 20.30 15.99
CA ILE A 267 11.12 19.93 17.00
C ILE A 267 10.74 21.15 17.86
N LYS A 268 11.72 21.97 18.20
CA LYS A 268 11.41 23.18 18.96
C LYS A 268 10.52 24.13 18.16
N LEU A 269 10.77 24.25 16.86
CA LEU A 269 9.99 25.15 16.00
C LEU A 269 8.56 24.65 15.80
N VAL A 270 8.44 23.32 15.63
CA VAL A 270 7.14 22.70 15.32
C VAL A 270 6.99 21.42 16.15
N PRO A 271 6.70 21.58 17.45
CA PRO A 271 6.73 20.44 18.39
C PRO A 271 5.77 19.27 18.10
N HIS A 272 4.67 19.51 17.37
CA HIS A 272 3.73 18.45 17.03
C HIS A 272 3.94 17.85 15.62
N ASN A 273 5.08 18.13 15.00
CA ASN A 273 5.44 17.54 13.72
C ASN A 273 6.05 16.15 13.95
N GLU A 274 5.27 15.12 13.61
CA GLU A 274 5.69 13.76 13.86
C GLU A 274 6.96 13.36 13.12
N SER A 275 7.18 13.90 11.92
CA SER A 275 8.28 13.42 11.08
C SER A 275 9.64 13.66 11.74
N ALA A 276 9.79 14.81 12.38
CA ALA A 276 11.05 15.14 13.05
C ALA A 276 11.28 14.22 14.23
N TRP A 277 10.23 13.97 15.04
CA TRP A 277 10.32 13.01 16.15
C TRP A 277 10.76 11.63 15.63
N ASN A 278 10.16 11.21 14.52
CA ASN A 278 10.43 9.89 13.96
C ASN A 278 11.86 9.77 13.45
N TYR A 279 12.38 10.86 12.89
CA TYR A 279 13.76 10.90 12.38
C TYR A 279 14.74 10.86 13.55
N LEU A 280 14.43 11.61 14.61
CA LEU A 280 15.27 11.57 15.82
C LEU A 280 15.41 10.15 16.36
N LYS A 281 14.29 9.45 16.52
CA LYS A 281 14.33 8.06 16.94
C LYS A 281 15.07 7.21 15.91
N GLY A 282 14.80 7.46 14.63
CA GLY A 282 15.36 6.64 13.54
C GLY A 282 16.89 6.64 13.52
N ILE A 283 17.49 7.80 13.80
CA ILE A 283 18.95 7.91 13.72
C ILE A 283 19.66 7.45 15.00
N LEU A 284 18.90 7.23 16.08
CA LEU A 284 19.47 6.78 17.37
C LEU A 284 19.14 5.34 17.75
N GLN A 285 18.13 4.77 17.12
CA GLN A 285 17.55 3.51 17.62
C GLN A 285 18.45 2.28 17.49
N ASP A 286 19.30 2.24 16.49
CA ASP A 286 20.04 1.00 16.31
C ASP A 286 21.17 0.85 17.32
N ARG A 287 21.79 1.96 17.71
CA ARG A 287 22.76 1.91 18.81
C ARG A 287 22.04 1.73 20.15
N GLY A 288 20.81 2.22 20.23
CA GLY A 288 20.00 2.10 21.44
C GLY A 288 19.76 3.47 22.02
N LEU A 289 18.49 3.82 22.21
CA LEU A 289 18.15 5.14 22.78
C LEU A 289 18.80 5.41 24.14
N SER A 290 19.01 4.37 24.94
CA SER A 290 19.63 4.53 26.26
C SER A 290 21.13 4.86 26.21
N LYS A 291 21.72 4.83 25.02
CA LYS A 291 23.16 5.07 24.89
C LYS A 291 23.45 6.57 24.85
N TYR A 292 22.38 7.37 24.92
CA TYR A 292 22.41 8.84 24.76
C TYR A 292 21.85 9.50 26.03
N PRO A 293 22.59 9.42 27.16
CA PRO A 293 22.06 9.90 28.44
C PRO A 293 21.68 11.37 28.49
N ASN A 294 22.39 12.24 27.77
CA ASN A 294 22.03 13.66 27.75
C ASN A 294 20.68 13.95 27.12
N LEU A 295 20.31 13.13 26.13
CA LEU A 295 19.03 13.32 25.44
C LEU A 295 17.84 13.21 26.40
N LEU A 296 17.88 12.21 27.27
CA LEU A 296 16.83 12.01 28.27
C LEU A 296 16.63 13.28 29.10
N ASN A 297 17.72 13.82 29.64
CA ASN A 297 17.65 15.04 30.45
C ASN A 297 17.04 16.20 29.68
N GLN A 298 17.48 16.37 28.44
CA GLN A 298 16.98 17.45 27.60
C GLN A 298 15.47 17.36 27.34
N LEU A 299 14.98 16.14 27.09
CA LEU A 299 13.54 15.93 26.90
C LEU A 299 12.77 16.07 28.22
N LEU A 300 13.35 15.58 29.30
CA LEU A 300 12.75 15.73 30.64
C LEU A 300 12.63 17.20 31.06
N ASP A 301 13.58 18.02 30.62
CA ASP A 301 13.53 19.47 30.83
C ASP A 301 12.40 20.11 30.02
N LEU A 302 12.14 19.54 28.84
CA LEU A 302 11.06 20.03 27.97
C LEU A 302 9.66 19.53 28.36
N GLN A 303 9.61 18.46 29.15
CA GLN A 303 8.34 17.76 29.46
C GLN A 303 7.21 18.65 30.01
N PRO A 304 7.42 19.33 31.18
CA PRO A 304 6.35 20.19 31.73
C PRO A 304 5.69 21.14 30.72
N SER A 305 6.47 21.90 29.97
CA SER A 305 5.93 22.91 29.05
C SER A 305 5.51 22.36 27.67
N HIS A 306 6.03 21.19 27.31
CA HIS A 306 5.75 20.59 25.98
C HIS A 306 5.45 19.10 26.09
N SER A 307 4.44 18.76 26.90
CA SER A 307 4.13 17.37 27.17
C SER A 307 3.21 16.79 26.08
N SER A 308 3.74 16.75 24.86
CA SER A 308 3.04 16.21 23.69
C SER A 308 3.07 14.68 23.72
N PRO A 309 2.13 14.04 23.01
CA PRO A 309 2.21 12.56 22.98
C PRO A 309 3.53 12.08 22.36
N TYR A 310 4.13 12.87 21.48
CA TYR A 310 5.41 12.49 20.84
C TYR A 310 6.57 12.48 21.84
N LEU A 311 6.65 13.51 22.67
CA LEU A 311 7.70 13.58 23.69
C LEU A 311 7.53 12.45 24.69
N ILE A 312 6.30 12.26 25.17
CA ILE A 312 5.96 11.25 26.19
C ILE A 312 6.26 9.83 25.66
N ALA A 313 5.83 9.57 24.42
CA ALA A 313 6.17 8.31 23.76
C ALA A 313 7.70 8.10 23.65
N PHE A 314 8.43 9.17 23.30
CA PHE A 314 9.91 9.07 23.19
C PHE A 314 10.55 8.70 24.54
N LEU A 315 10.06 9.30 25.62
CA LEU A 315 10.50 8.91 26.98
C LEU A 315 10.28 7.44 27.27
N VAL A 316 9.10 6.91 26.93
CA VAL A 316 8.82 5.48 27.12
C VAL A 316 9.84 4.63 26.32
N ASP A 317 10.06 5.02 25.06
CA ASP A 317 11.07 4.36 24.20
C ASP A 317 12.47 4.35 24.84
N ILE A 318 12.88 5.49 25.42
CA ILE A 318 14.16 5.56 26.14
C ILE A 318 14.16 4.62 27.35
N TYR A 319 13.11 4.70 28.15
CA TYR A 319 13.01 3.85 29.33
C TYR A 319 13.04 2.36 28.96
N GLU A 320 12.31 2.00 27.90
CA GLU A 320 12.32 0.62 27.41
C GLU A 320 13.74 0.12 27.18
N ASP A 321 14.54 0.93 26.48
CA ASP A 321 15.91 0.56 26.14
C ASP A 321 16.83 0.52 27.38
N MET A 322 16.62 1.47 28.29
CA MET A 322 17.37 1.54 29.54
C MET A 322 17.20 0.24 30.31
N LEU A 323 15.97 -0.23 30.41
CA LEU A 323 15.65 -1.44 31.17
C LEU A 323 16.28 -2.67 30.53
N GLU A 324 16.41 -2.64 29.20
CA GLU A 324 17.01 -3.72 28.43
C GLU A 324 18.52 -3.77 28.62
N ASN A 325 19.09 -2.70 29.18
CA ASN A 325 20.53 -2.57 29.30
C ASN A 325 20.99 -2.41 30.75
N GLN A 326 20.21 -2.97 31.67
CA GLN A 326 20.54 -3.00 33.10
C GLN A 326 20.95 -1.64 33.67
N CYS A 327 20.09 -0.64 33.46
CA CYS A 327 20.31 0.67 34.06
C CYS A 327 20.31 0.57 35.59
N ASP A 328 20.94 1.54 36.24
CA ASP A 328 20.76 1.75 37.67
C ASP A 328 19.32 2.17 37.91
N ASN A 329 18.84 1.93 39.12
CA ASN A 329 17.50 2.35 39.54
C ASN A 329 16.42 1.77 38.62
N LYS A 330 16.56 0.49 38.34
CA LYS A 330 15.63 -0.28 37.51
C LYS A 330 14.17 -0.13 37.95
N GLU A 331 13.90 -0.34 39.24
CA GLU A 331 12.53 -0.23 39.75
C GLU A 331 11.94 1.16 39.53
N ASP A 332 12.77 2.19 39.70
CA ASP A 332 12.32 3.55 39.50
C ASP A 332 11.97 3.80 38.03
N ILE A 333 12.84 3.32 37.14
CA ILE A 333 12.68 3.53 35.70
C ILE A 333 11.44 2.79 35.23
N LEU A 334 11.24 1.58 35.74
CA LEU A 334 10.06 0.78 35.42
C LEU A 334 8.77 1.47 35.88
N ASN A 335 8.77 1.99 37.11
CA ASN A 335 7.61 2.72 37.59
C ASN A 335 7.29 3.93 36.71
N LYS A 336 8.31 4.68 36.31
CA LYS A 336 8.12 5.86 35.48
C LYS A 336 7.58 5.46 34.12
N ALA A 337 8.14 4.40 33.54
CA ALA A 337 7.66 3.89 32.24
C ALA A 337 6.18 3.47 32.29
N LEU A 338 5.81 2.71 33.31
CA LEU A 338 4.41 2.25 33.45
C LEU A 338 3.42 3.41 33.67
N GLU A 339 3.84 4.40 34.46
CA GLU A 339 3.02 5.63 34.66
C GLU A 339 2.76 6.32 33.32
N LEU A 340 3.80 6.43 32.50
CA LEU A 340 3.68 7.09 31.18
C LEU A 340 2.83 6.27 30.20
N CYS A 341 2.99 4.95 30.18
CA CYS A 341 2.11 4.09 29.36
C CYS A 341 0.62 4.31 29.70
N GLU A 342 0.32 4.46 30.98
CA GLU A 342 -1.04 4.69 31.45
C GLU A 342 -1.57 6.06 31.03
N ILE A 343 -0.71 7.08 31.16
CA ILE A 343 -1.04 8.43 30.70
C ILE A 343 -1.33 8.43 29.19
N LEU A 344 -0.50 7.73 28.43
CA LEU A 344 -0.70 7.66 27.00
C LEU A 344 -1.99 6.91 26.69
N ALA A 345 -2.20 5.77 27.35
CA ALA A 345 -3.39 4.96 27.05
C ALA A 345 -4.71 5.66 27.41
N LYS A 346 -4.69 6.44 28.49
CA LYS A 346 -5.95 6.91 29.05
C LYS A 346 -6.25 8.37 28.67
N GLU A 347 -5.22 9.14 28.41
CA GLU A 347 -5.37 10.57 28.19
C GLU A 347 -4.72 11.14 26.92
N LYS A 348 -3.41 10.88 26.75
CA LYS A 348 -2.61 11.63 25.77
C LYS A 348 -2.56 10.99 24.38
N ASP A 349 -2.83 9.68 24.30
CA ASP A 349 -2.67 8.96 23.04
C ASP A 349 -3.66 7.79 23.00
N THR A 350 -4.93 8.09 23.29
CA THR A 350 -5.94 7.03 23.50
C THR A 350 -6.21 6.21 22.25
N ILE A 351 -5.99 6.76 21.06
CA ILE A 351 -6.15 5.96 19.84
C ILE A 351 -5.24 4.70 19.88
N ARG A 352 -4.13 4.82 20.60
CA ARG A 352 -3.17 3.73 20.72
C ARG A 352 -3.24 3.04 22.08
N LYS A 353 -4.41 3.11 22.74
CA LYS A 353 -4.61 2.45 24.03
C LYS A 353 -4.13 1.00 24.01
N GLU A 354 -4.53 0.23 22.99
CA GLU A 354 -4.11 -1.18 22.94
C GLU A 354 -2.60 -1.37 22.84
N TYR A 355 -1.93 -0.50 22.09
CA TYR A 355 -0.48 -0.55 21.95
C TYR A 355 0.19 -0.20 23.29
N TRP A 356 -0.22 0.92 23.89
CA TRP A 356 0.36 1.32 25.19
C TRP A 356 0.13 0.31 26.31
N ARG A 357 -1.04 -0.32 26.34
CA ARG A 357 -1.32 -1.37 27.34
C ARG A 357 -0.41 -2.58 27.11
N TYR A 358 -0.20 -2.92 25.83
CA TYR A 358 0.74 -4.00 25.49
C TYR A 358 2.16 -3.66 25.94
N ILE A 359 2.61 -2.45 25.65
CA ILE A 359 3.93 -2.00 26.12
C ILE A 359 4.04 -2.12 27.64
N GLY A 360 3.00 -1.70 28.37
CA GLY A 360 3.04 -1.85 29.83
C GLY A 360 3.21 -3.30 30.30
N ARG A 361 2.44 -4.21 29.70
CA ARG A 361 2.55 -5.62 30.03
C ARG A 361 3.90 -6.17 29.60
N SER A 362 4.38 -5.72 28.45
CA SER A 362 5.69 -6.19 27.96
C SER A 362 6.83 -5.79 28.92
N LEU A 363 6.83 -4.55 29.36
CA LEU A 363 7.78 -4.07 30.36
C LEU A 363 7.76 -4.90 31.64
N GLN A 364 6.58 -5.23 32.13
CA GLN A 364 6.46 -6.04 33.33
C GLN A 364 6.92 -7.48 33.14
N SER A 365 6.75 -8.01 31.92
CA SER A 365 7.14 -9.41 31.68
C SER A 365 8.66 -9.49 31.60
N LYS A 366 9.30 -8.39 31.22
CA LYS A 366 10.75 -8.38 31.04
C LYS A 366 11.56 -7.88 32.24
N HIS A 367 10.95 -7.08 33.10
CA HIS A 367 11.72 -6.28 34.08
C HIS A 367 11.19 -6.21 35.53
N SER A 368 10.16 -6.98 35.85
CA SER A 368 9.49 -6.83 37.18
C SER A 368 10.24 -7.39 38.38
N THR A 369 10.56 -8.69 38.38
CA THR A 369 11.33 -9.29 39.48
C THR A 369 10.58 -9.29 40.83
N SER B 15 -26.56 1.77 32.38
CA SER B 15 -26.00 1.62 31.00
C SER B 15 -27.01 2.11 29.94
N SER B 16 -26.87 1.59 28.72
CA SER B 16 -27.51 2.16 27.55
C SER B 16 -28.68 1.31 27.03
N PRO B 17 -29.80 1.95 26.66
CA PRO B 17 -30.85 1.20 25.93
C PRO B 17 -30.28 0.65 24.62
N VAL B 18 -30.87 -0.42 24.07
CA VAL B 18 -30.28 -1.07 22.89
C VAL B 18 -30.23 -0.17 21.65
N TRP B 19 -31.04 0.89 21.65
CA TRP B 19 -31.23 1.74 20.46
C TRP B 19 -30.33 2.98 20.45
N SER B 20 -29.47 3.10 21.46
CA SER B 20 -28.45 4.14 21.45
C SER B 20 -27.12 3.49 21.77
N GLU B 21 -26.10 3.83 20.99
CA GLU B 21 -24.78 3.27 21.22
C GLU B 21 -23.76 4.40 21.15
N PRO B 22 -23.22 4.79 22.32
CA PRO B 22 -22.19 5.85 22.38
C PRO B 22 -20.96 5.51 21.53
N LEU B 23 -20.40 6.54 20.91
CA LEU B 23 -19.28 6.38 19.98
C LEU B 23 -18.03 7.14 20.44
N TYR B 24 -16.87 6.55 20.17
CA TYR B 24 -15.60 7.12 20.55
C TYR B 24 -15.36 8.49 19.91
N SER B 25 -15.70 8.59 18.63
CA SER B 25 -15.49 9.82 17.85
C SER B 25 -16.42 10.96 18.26
N LEU B 26 -17.45 10.61 19.03
CA LEU B 26 -18.43 11.60 19.54
C LEU B 26 -18.24 12.02 21.00
N ARG B 27 -17.26 11.43 21.69
CA ARG B 27 -16.98 11.82 23.08
C ARG B 27 -16.57 13.30 23.11
N PRO B 28 -16.94 14.05 24.18
CA PRO B 28 -16.53 15.46 24.24
C PRO B 28 -15.02 15.64 24.17
N GLU B 29 -14.27 14.73 24.76
CA GLU B 29 -12.83 14.87 24.79
C GLU B 29 -12.19 14.59 23.41
N HIS B 30 -12.97 14.04 22.48
CA HIS B 30 -12.46 13.76 21.13
C HIS B 30 -12.00 15.02 20.40
N ALA B 31 -12.68 16.14 20.68
CA ALA B 31 -12.26 17.45 20.13
C ALA B 31 -10.79 17.81 20.44
N ARG B 32 -10.24 17.29 21.54
CA ARG B 32 -8.85 17.58 21.89
C ARG B 32 -7.88 16.93 20.93
N GLU B 33 -8.40 16.05 20.07
CA GLU B 33 -7.55 15.28 19.14
C GLU B 33 -7.33 15.99 17.81
N ARG B 34 -7.95 17.17 17.65
CA ARG B 34 -7.79 17.96 16.44
C ARG B 34 -6.33 18.39 16.29
N LEU B 35 -5.94 18.66 15.06
CA LEU B 35 -4.56 18.99 14.73
C LEU B 35 -4.03 20.21 15.51
N GLN B 36 -2.83 20.06 16.09
CA GLN B 36 -2.14 21.21 16.66
C GLN B 36 -1.03 21.58 15.70
N ASP B 37 -1.22 22.68 14.98
CA ASP B 37 -0.24 23.12 13.97
C ASP B 37 0.89 24.01 14.50
N ASP B 38 0.89 24.26 15.82
CA ASP B 38 1.94 25.05 16.46
C ASP B 38 2.08 26.46 15.87
N SER B 39 1.01 26.93 15.21
CA SER B 39 1.00 28.22 14.51
C SER B 39 2.00 28.28 13.38
N VAL B 40 2.38 27.12 12.86
CA VAL B 40 3.29 27.06 11.74
C VAL B 40 2.55 26.31 10.63
N GLU B 41 2.06 27.06 9.65
CA GLU B 41 1.28 26.49 8.56
C GLU B 41 2.17 26.03 7.43
N THR B 42 1.97 24.80 6.99
CA THR B 42 2.63 24.32 5.79
C THR B 42 1.55 23.60 4.98
N VAL B 43 1.87 23.24 3.76
CA VAL B 43 0.94 22.55 2.87
C VAL B 43 0.34 21.33 3.60
N THR B 44 1.20 20.56 4.25
CA THR B 44 0.78 19.38 5.02
C THR B 44 -0.31 19.70 6.04
N SER B 45 -0.09 20.72 6.88
CA SER B 45 -1.00 21.00 7.98
C SER B 45 -2.31 21.60 7.46
N ILE B 46 -2.21 22.43 6.42
CA ILE B 46 -3.40 23.01 5.79
C ILE B 46 -4.30 21.88 5.25
N GLU B 47 -3.70 20.91 4.56
CA GLU B 47 -4.49 19.81 4.02
C GLU B 47 -5.09 18.90 5.10
N GLN B 48 -4.33 18.64 6.15
CA GLN B 48 -4.82 17.83 7.28
C GLN B 48 -6.01 18.51 7.95
N ALA B 49 -5.89 19.82 8.18
CA ALA B 49 -6.96 20.59 8.82
C ALA B 49 -8.26 20.61 8.00
N LYS B 50 -8.14 20.70 6.68
CA LYS B 50 -9.32 20.66 5.79
C LYS B 50 -10.06 19.34 5.92
N VAL B 51 -9.30 18.24 5.96
CA VAL B 51 -9.92 16.92 6.13
C VAL B 51 -10.58 16.83 7.52
N GLU B 52 -9.89 17.27 8.56
CA GLU B 52 -10.45 17.19 9.91
C GLU B 52 -11.74 17.97 10.05
N GLU B 53 -11.79 19.15 9.44
CA GLU B 53 -13.00 19.98 9.49
C GLU B 53 -14.22 19.29 8.84
N LYS B 54 -14.01 18.73 7.66
CA LYS B 54 -15.03 17.92 6.98
C LYS B 54 -15.48 16.71 7.82
N ILE B 55 -14.52 15.98 8.36
CA ILE B 55 -14.84 14.78 9.15
C ILE B 55 -15.62 15.13 10.43
N GLN B 56 -15.27 16.23 11.09
CA GLN B 56 -16.00 16.65 12.30
C GLN B 56 -17.47 16.93 11.97
N GLU B 57 -17.70 17.55 10.81
CA GLU B 57 -19.06 17.80 10.33
C GLU B 57 -19.78 16.48 10.13
N VAL B 58 -19.10 15.49 9.55
CA VAL B 58 -19.71 14.18 9.38
C VAL B 58 -20.03 13.53 10.73
N PHE B 59 -19.05 13.49 11.65
CA PHE B 59 -19.27 12.83 12.94
C PHE B 59 -20.50 13.45 13.61
N SER B 60 -20.56 14.78 13.56
CA SER B 60 -21.63 15.51 14.25
C SER B 60 -23.03 15.17 13.72
N SER B 61 -23.11 14.79 12.44
CA SER B 61 -24.38 14.46 11.81
C SER B 61 -24.97 13.15 12.34
N TYR B 62 -24.16 12.38 13.08
CA TYR B 62 -24.59 11.10 13.65
C TYR B 62 -24.99 11.18 15.13
N LYS B 63 -24.92 12.39 15.69
CA LYS B 63 -25.20 12.62 17.11
C LYS B 63 -26.40 13.55 17.23
N PHE B 64 -27.33 13.19 18.12
CA PHE B 64 -28.52 14.02 18.38
C PHE B 64 -28.59 14.19 19.88
N ASN B 65 -27.76 15.10 20.37
CA ASN B 65 -27.49 15.21 21.79
C ASN B 65 -27.20 13.84 22.40
N HIS B 66 -28.04 13.36 23.31
CA HIS B 66 -27.72 12.10 24.01
C HIS B 66 -28.24 10.86 23.25
N LEU B 67 -28.98 11.10 22.16
CA LEU B 67 -29.45 10.04 21.28
C LEU B 67 -28.38 9.79 20.21
N VAL B 68 -27.87 8.56 20.16
CA VAL B 68 -26.84 8.20 19.18
C VAL B 68 -27.25 6.88 18.50
N PRO B 69 -28.05 6.96 17.45
CA PRO B 69 -28.57 5.74 16.81
C PRO B 69 -27.43 4.80 16.36
N ARG B 70 -27.70 3.49 16.40
CA ARG B 70 -26.70 2.52 15.95
C ARG B 70 -26.32 2.78 14.48
N LEU B 71 -25.04 2.63 14.20
CA LEU B 71 -24.53 2.76 12.83
C LEU B 71 -24.93 1.59 11.96
N VAL B 72 -25.16 1.87 10.68
CA VAL B 72 -25.64 0.86 9.73
C VAL B 72 -24.74 0.75 8.49
N LEU B 73 -24.23 -0.46 8.27
CA LEU B 73 -23.58 -0.81 7.01
C LEU B 73 -24.69 -1.06 5.98
N GLN B 74 -24.67 -0.26 4.92
CA GLN B 74 -25.72 -0.31 3.89
C GLN B 74 -25.51 -1.48 2.91
N ARG B 75 -25.55 -2.69 3.46
CA ARG B 75 -25.24 -3.92 2.69
C ARG B 75 -25.99 -4.06 1.38
N GLU B 76 -27.30 -3.79 1.41
CA GLU B 76 -28.11 -3.94 0.21
C GLU B 76 -27.68 -2.96 -0.90
N LYS B 77 -27.37 -1.71 -0.56
CA LYS B 77 -26.89 -0.76 -1.56
C LYS B 77 -25.52 -1.17 -2.12
N HIS B 78 -24.63 -1.62 -1.24
CA HIS B 78 -23.32 -2.10 -1.67
C HIS B 78 -23.49 -3.30 -2.59
N PHE B 79 -24.35 -4.24 -2.20
CA PHE B 79 -24.61 -5.44 -3.00
C PHE B 79 -25.04 -5.12 -4.44
N HIS B 80 -26.00 -4.22 -4.60
CA HIS B 80 -26.52 -3.84 -5.91
C HIS B 80 -25.48 -3.19 -6.81
N TYR B 81 -24.70 -2.27 -6.21
CA TYR B 81 -23.55 -1.65 -6.87
C TYR B 81 -22.56 -2.70 -7.40
N LEU B 82 -22.20 -3.66 -6.54
CA LEU B 82 -21.22 -4.70 -6.87
C LEU B 82 -21.74 -5.63 -7.97
N LYS B 83 -22.99 -6.06 -7.82
CA LYS B 83 -23.62 -6.97 -8.76
C LYS B 83 -23.64 -6.39 -10.19
N ARG B 84 -23.92 -5.11 -10.30
CA ARG B 84 -23.89 -4.42 -11.59
C ARG B 84 -22.48 -4.33 -12.20
N GLY B 85 -21.45 -4.13 -11.36
CA GLY B 85 -20.07 -4.04 -11.87
C GLY B 85 -19.51 -5.32 -12.48
N LEU B 86 -20.12 -6.45 -12.15
CA LEU B 86 -19.65 -7.75 -12.60
C LEU B 86 -19.94 -8.05 -14.09
N ARG B 87 -20.90 -7.35 -14.70
CA ARG B 87 -21.15 -7.54 -16.15
C ARG B 87 -20.56 -6.44 -17.04
N GLN B 88 -21.34 -5.41 -17.38
CA GLN B 88 -20.81 -4.41 -18.30
C GLN B 88 -20.59 -3.05 -17.66
N LEU B 89 -19.46 -2.44 -18.02
CA LEU B 89 -18.99 -1.17 -17.48
C LEU B 89 -18.93 -0.13 -18.58
N THR B 90 -19.11 1.14 -18.23
CA THR B 90 -19.03 2.20 -19.25
C THR B 90 -17.57 2.45 -19.63
N ASP B 91 -17.37 3.22 -20.70
CA ASP B 91 -16.04 3.58 -21.15
C ASP B 91 -15.27 4.44 -20.15
N ALA B 92 -15.93 4.84 -19.06
CA ALA B 92 -15.21 5.49 -17.96
C ALA B 92 -14.16 4.52 -17.36
N TYR B 93 -14.36 3.22 -17.56
CA TYR B 93 -13.48 2.21 -17.02
C TYR B 93 -12.34 1.85 -17.95
N GLU B 94 -12.17 2.60 -19.05
CA GLU B 94 -11.07 2.32 -20.00
C GLU B 94 -9.69 2.29 -19.32
N CYS B 95 -9.51 3.16 -18.32
CA CYS B 95 -8.26 3.22 -17.54
C CYS B 95 -7.93 1.94 -16.77
N LEU B 96 -8.91 1.04 -16.67
CA LEU B 96 -8.73 -0.24 -15.96
C LEU B 96 -8.72 -1.42 -16.94
N ASP B 97 -8.56 -1.11 -18.23
CA ASP B 97 -8.53 -2.15 -19.27
C ASP B 97 -7.37 -3.16 -19.15
N ALA B 98 -6.31 -2.77 -18.44
CA ALA B 98 -5.20 -3.66 -18.14
C ALA B 98 -5.25 -4.14 -16.69
N SER B 99 -6.43 -4.06 -16.06
CA SER B 99 -6.63 -4.47 -14.66
C SER B 99 -7.94 -5.25 -14.50
N ARG B 100 -8.36 -5.97 -15.53
CA ARG B 100 -9.68 -6.61 -15.44
C ARG B 100 -9.81 -7.74 -14.39
N PRO B 101 -8.76 -8.61 -14.22
CA PRO B 101 -8.83 -9.54 -13.07
C PRO B 101 -8.96 -8.86 -11.69
N TRP B 102 -8.40 -7.65 -11.55
CA TRP B 102 -8.60 -6.88 -10.31
C TRP B 102 -10.05 -6.54 -10.08
N LEU B 103 -10.74 -6.15 -11.16
CA LEU B 103 -12.17 -5.86 -11.05
C LEU B 103 -12.90 -7.12 -10.57
N CYS B 104 -12.53 -8.27 -11.09
CA CYS B 104 -13.15 -9.55 -10.66
C CYS B 104 -12.90 -9.82 -9.18
N TYR B 105 -11.63 -9.69 -8.78
CA TYR B 105 -11.24 -9.94 -7.38
C TYR B 105 -11.88 -8.94 -6.42
N TRP B 106 -11.80 -7.64 -6.73
CA TRP B 106 -12.35 -6.61 -5.83
C TRP B 106 -13.84 -6.85 -5.62
N ILE B 107 -14.53 -7.15 -6.71
CA ILE B 107 -15.98 -7.36 -6.63
C ILE B 107 -16.36 -8.67 -5.92
N LEU B 108 -15.76 -9.78 -6.32
CA LEU B 108 -16.04 -11.08 -5.71
C LEU B 108 -15.69 -11.10 -4.23
N HIS B 109 -14.58 -10.47 -3.86
CA HIS B 109 -14.20 -10.46 -2.44
C HIS B 109 -15.17 -9.60 -1.60
N SER B 110 -15.60 -8.47 -2.15
CA SER B 110 -16.60 -7.61 -1.48
C SER B 110 -17.90 -8.40 -1.25
N LEU B 111 -18.36 -9.10 -2.29
CA LEU B 111 -19.54 -9.96 -2.18
C LEU B 111 -19.39 -11.05 -1.13
N GLU B 112 -18.23 -11.70 -1.13
CA GLU B 112 -17.87 -12.71 -0.15
C GLU B 112 -17.94 -12.16 1.29
N LEU B 113 -17.37 -10.97 1.52
CA LEU B 113 -17.42 -10.36 2.87
C LEU B 113 -18.87 -10.09 3.32
N LEU B 114 -19.69 -9.67 2.36
CA LEU B 114 -21.11 -9.32 2.57
C LEU B 114 -22.03 -10.56 2.62
N ASP B 115 -21.42 -11.74 2.49
CA ASP B 115 -22.13 -13.02 2.54
C ASP B 115 -23.19 -13.11 1.43
N GLU B 116 -22.86 -12.58 0.25
CA GLU B 116 -23.76 -12.64 -0.90
C GLU B 116 -23.33 -13.76 -1.82
N PRO B 117 -24.19 -14.79 -2.01
CA PRO B 117 -23.80 -15.92 -2.86
C PRO B 117 -23.43 -15.48 -4.29
N ILE B 118 -22.52 -16.23 -4.90
CA ILE B 118 -22.12 -16.00 -6.28
C ILE B 118 -22.91 -17.02 -7.09
N PRO B 119 -23.85 -16.57 -7.93
CA PRO B 119 -24.62 -17.57 -8.69
C PRO B 119 -23.71 -18.42 -9.56
N GLN B 120 -24.08 -19.69 -9.72
CA GLN B 120 -23.35 -20.66 -10.51
C GLN B 120 -22.94 -20.16 -11.90
N ILE B 121 -23.86 -19.47 -12.59
CA ILE B 121 -23.62 -18.97 -13.94
C ILE B 121 -22.57 -17.84 -13.95
N VAL B 122 -22.66 -16.95 -12.96
CA VAL B 122 -21.68 -15.88 -12.76
C VAL B 122 -20.30 -16.51 -12.50
N ALA B 123 -20.26 -17.49 -11.60
CA ALA B 123 -19.02 -18.18 -11.28
C ALA B 123 -18.36 -18.80 -12.51
N THR B 124 -19.14 -19.52 -13.31
CA THR B 124 -18.61 -20.10 -14.54
C THR B 124 -18.12 -19.04 -15.52
N ASP B 125 -18.89 -17.96 -15.67
CA ASP B 125 -18.48 -16.88 -16.56
C ASP B 125 -17.16 -16.23 -16.11
N VAL B 126 -17.00 -16.07 -14.79
CA VAL B 126 -15.75 -15.49 -14.29
C VAL B 126 -14.59 -16.43 -14.61
N CYS B 127 -14.76 -17.73 -14.34
CA CYS B 127 -13.72 -18.73 -14.67
C CYS B 127 -13.29 -18.67 -16.13
N GLN B 128 -14.28 -18.61 -17.02
CA GLN B 128 -14.04 -18.56 -18.46
C GLN B 128 -13.26 -17.31 -18.86
N PHE B 129 -13.61 -16.17 -18.26
CA PHE B 129 -12.93 -14.94 -18.61
C PHE B 129 -11.47 -14.98 -18.11
N LEU B 130 -11.27 -15.45 -16.90
CA LEU B 130 -9.90 -15.54 -16.36
C LEU B 130 -9.04 -16.50 -17.18
N GLU B 131 -9.64 -17.59 -17.66
CA GLU B 131 -8.96 -18.48 -18.61
C GLU B 131 -8.44 -17.72 -19.83
N LEU B 132 -9.27 -16.82 -20.36
CA LEU B 132 -8.86 -15.96 -21.49
C LEU B 132 -7.71 -14.99 -21.16
N CYS B 133 -7.60 -14.58 -19.89
CA CYS B 133 -6.51 -13.69 -19.44
C CYS B 133 -5.22 -14.43 -19.14
N GLN B 134 -5.31 -15.75 -19.01
CA GLN B 134 -4.13 -16.58 -18.75
C GLN B 134 -3.21 -16.65 -19.97
N SER B 135 -1.94 -16.40 -19.73
CA SER B 135 -0.94 -16.37 -20.79
C SER B 135 -0.43 -17.78 -21.06
N PRO B 136 -0.11 -18.07 -22.33
CA PRO B 136 0.51 -19.36 -22.61
C PRO B 136 1.88 -19.51 -21.91
N GLU B 137 2.55 -18.39 -21.61
CA GLU B 137 3.82 -18.45 -20.89
C GLU B 137 3.64 -18.65 -19.36
N GLY B 138 2.39 -18.64 -18.89
CA GLY B 138 2.12 -18.75 -17.45
C GLY B 138 1.75 -17.39 -16.87
N GLY B 139 0.99 -17.40 -15.79
CA GLY B 139 0.50 -16.14 -15.20
C GLY B 139 -0.70 -15.62 -15.98
N PHE B 140 -1.28 -14.52 -15.48
CA PHE B 140 -2.44 -13.86 -16.09
C PHE B 140 -2.08 -12.42 -16.44
N GLY B 141 -2.63 -11.93 -17.56
CA GLY B 141 -2.52 -10.53 -17.93
C GLY B 141 -3.75 -9.73 -17.50
N GLY B 142 -3.72 -8.44 -17.76
CA GLY B 142 -4.81 -7.53 -17.39
C GLY B 142 -6.08 -7.65 -18.21
N GLY B 143 -6.00 -8.44 -19.28
CA GLY B 143 -7.12 -8.77 -20.16
C GLY B 143 -6.68 -9.76 -21.22
N PRO B 144 -7.62 -10.26 -22.05
CA PRO B 144 -7.24 -11.30 -23.01
C PRO B 144 -6.15 -10.85 -23.98
N GLY B 145 -5.10 -11.66 -24.11
CA GLY B 145 -4.00 -11.34 -25.03
C GLY B 145 -2.96 -10.37 -24.49
N GLN B 146 -3.10 -9.94 -23.23
CA GLN B 146 -2.09 -9.08 -22.63
C GLN B 146 -0.97 -9.95 -22.08
N TYR B 147 0.23 -9.38 -21.97
CA TYR B 147 1.32 -10.07 -21.34
C TYR B 147 0.95 -10.36 -19.88
N PRO B 148 1.48 -11.45 -19.32
CA PRO B 148 1.17 -11.71 -17.91
C PRO B 148 1.88 -10.68 -16.99
N HIS B 149 1.31 -10.44 -15.80
CA HIS B 149 1.87 -9.46 -14.86
C HIS B 149 1.50 -10.01 -13.49
N LEU B 150 2.39 -9.86 -12.51
CA LEU B 150 2.15 -10.47 -11.19
C LEU B 150 0.93 -9.91 -10.47
N ALA B 151 0.61 -8.63 -10.72
CA ALA B 151 -0.58 -8.04 -10.07
C ALA B 151 -1.91 -8.69 -10.51
N PRO B 152 -2.24 -8.65 -11.82
CA PRO B 152 -3.42 -9.43 -12.20
C PRO B 152 -3.33 -10.95 -12.01
N THR B 153 -2.11 -11.51 -11.99
CA THR B 153 -1.91 -12.93 -11.63
C THR B 153 -2.41 -13.17 -10.18
N TYR B 154 -1.95 -12.33 -9.25
CA TYR B 154 -2.45 -12.38 -7.87
C TYR B 154 -3.98 -12.27 -7.81
N ALA B 155 -4.53 -11.26 -8.49
CA ALA B 155 -5.98 -11.04 -8.48
C ALA B 155 -6.74 -12.22 -9.05
N ALA B 156 -6.28 -12.76 -10.18
CA ALA B 156 -6.98 -13.87 -10.84
C ALA B 156 -6.99 -15.11 -9.95
N VAL B 157 -5.83 -15.43 -9.39
CA VAL B 157 -5.73 -16.59 -8.48
C VAL B 157 -6.64 -16.41 -7.26
N ASN B 158 -6.60 -15.24 -6.64
CA ASN B 158 -7.53 -14.98 -5.53
C ASN B 158 -9.01 -15.11 -5.93
N ALA B 159 -9.37 -14.56 -7.09
CA ALA B 159 -10.75 -14.65 -7.58
C ALA B 159 -11.16 -16.09 -7.79
N LEU B 160 -10.26 -16.88 -8.41
CA LEU B 160 -10.55 -18.30 -8.60
C LEU B 160 -10.72 -19.05 -7.29
N CYS B 161 -9.91 -18.70 -6.28
CA CYS B 161 -10.02 -19.38 -4.96
C CYS B 161 -11.30 -18.95 -4.22
N ILE B 162 -11.73 -17.71 -4.42
CA ILE B 162 -13.02 -17.25 -3.84
C ILE B 162 -14.17 -18.11 -4.45
N ILE B 163 -14.14 -18.30 -5.76
CA ILE B 163 -15.12 -19.19 -6.43
C ILE B 163 -15.02 -20.61 -5.83
N GLY B 164 -13.82 -21.17 -5.83
CA GLY B 164 -13.49 -22.34 -5.01
C GLY B 164 -14.07 -23.65 -5.51
N THR B 165 -14.40 -23.69 -6.80
CA THR B 165 -14.91 -24.92 -7.43
C THR B 165 -13.72 -25.61 -8.08
N GLU B 166 -13.84 -26.91 -8.34
CA GLU B 166 -12.79 -27.61 -9.08
C GLU B 166 -12.57 -27.01 -10.47
N GLU B 167 -13.64 -26.51 -11.09
CA GLU B 167 -13.53 -25.83 -12.37
C GLU B 167 -12.60 -24.62 -12.23
N ALA B 168 -12.82 -23.82 -11.18
CA ALA B 168 -12.00 -22.63 -10.94
C ALA B 168 -10.53 -22.99 -10.68
N TYR B 169 -10.28 -23.94 -9.79
CA TYR B 169 -8.91 -24.34 -9.45
C TYR B 169 -8.16 -24.83 -10.66
N ASP B 170 -8.85 -25.61 -11.49
CA ASP B 170 -8.20 -26.29 -12.62
C ASP B 170 -7.87 -25.35 -13.79
N ILE B 171 -8.46 -24.15 -13.77
CA ILE B 171 -8.10 -23.12 -14.74
C ILE B 171 -6.58 -22.89 -14.71
N ILE B 172 -5.99 -22.89 -13.50
CA ILE B 172 -4.61 -22.41 -13.35
C ILE B 172 -3.64 -23.40 -13.97
N ASN B 173 -2.82 -22.94 -14.89
CA ASN B 173 -1.77 -23.77 -15.43
C ASN B 173 -0.57 -23.68 -14.48
N ARG B 174 -0.44 -24.64 -13.60
CA ARG B 174 0.53 -24.55 -12.51
C ARG B 174 1.97 -24.68 -12.97
N GLU B 175 2.19 -25.58 -13.93
CA GLU B 175 3.53 -25.78 -14.52
C GLU B 175 4.05 -24.48 -15.12
N LYS B 176 3.23 -23.81 -15.93
CA LYS B 176 3.63 -22.55 -16.56
C LYS B 176 3.70 -21.40 -15.55
N LEU B 177 2.81 -21.42 -14.56
CA LEU B 177 2.87 -20.39 -13.50
C LEU B 177 4.24 -20.45 -12.82
N LEU B 178 4.70 -21.64 -12.44
CA LEU B 178 6.00 -21.76 -11.80
C LEU B 178 7.13 -21.30 -12.72
N GLN B 179 7.10 -21.69 -13.97
CA GLN B 179 8.10 -21.21 -14.92
C GLN B 179 8.08 -19.68 -15.04
N TYR B 180 6.86 -19.11 -15.04
CA TYR B 180 6.71 -17.66 -15.11
C TYR B 180 7.34 -16.96 -13.89
N LEU B 181 7.08 -17.46 -12.68
CA LEU B 181 7.74 -16.90 -11.50
C LEU B 181 9.27 -16.96 -11.62
N TYR B 182 9.81 -18.09 -12.06
CA TYR B 182 11.25 -18.22 -12.27
C TYR B 182 11.74 -17.15 -13.25
N SER B 183 10.94 -16.86 -14.28
CA SER B 183 11.31 -15.90 -15.34
C SER B 183 11.40 -14.44 -14.86
N LEU B 184 10.89 -14.18 -13.65
CA LEU B 184 10.84 -12.85 -13.05
C LEU B 184 11.82 -12.71 -11.88
N LYS B 185 12.35 -13.82 -11.41
CA LYS B 185 13.20 -13.84 -10.21
C LYS B 185 14.60 -13.29 -10.48
N GLN B 186 15.02 -12.32 -9.65
CA GLN B 186 16.31 -11.64 -9.73
C GLN B 186 17.35 -12.25 -8.77
N PRO B 187 18.64 -12.12 -9.09
CA PRO B 187 19.66 -12.72 -8.23
C PRO B 187 19.65 -12.14 -6.80
N ASP B 188 19.14 -10.91 -6.61
CA ASP B 188 19.17 -10.27 -5.27
C ASP B 188 17.97 -10.63 -4.37
N GLY B 189 17.12 -11.56 -4.84
CA GLY B 189 15.94 -12.03 -4.06
C GLY B 189 14.61 -11.40 -4.51
N SER B 190 14.70 -10.32 -5.27
CA SER B 190 13.52 -9.58 -5.73
C SER B 190 12.87 -10.23 -6.97
N PHE B 191 11.66 -9.78 -7.28
CA PHE B 191 10.96 -10.20 -8.49
C PHE B 191 10.58 -8.98 -9.32
N LEU B 192 10.73 -9.12 -10.64
CA LEU B 192 10.13 -8.15 -11.55
C LEU B 192 8.61 -8.31 -11.49
N MET B 193 7.85 -7.23 -11.70
CA MET B 193 6.38 -7.33 -11.75
C MET B 193 5.92 -8.00 -13.05
N HIS B 194 6.73 -7.85 -14.10
CA HIS B 194 6.47 -8.49 -15.37
C HIS B 194 7.76 -8.46 -16.19
N VAL B 195 7.78 -9.19 -17.29
CA VAL B 195 9.00 -9.30 -18.09
C VAL B 195 9.34 -7.91 -18.59
N GLY B 196 10.59 -7.49 -18.39
CA GLY B 196 11.01 -6.13 -18.74
C GLY B 196 10.40 -5.03 -17.87
N GLY B 197 9.86 -5.40 -16.71
CA GLY B 197 9.16 -4.44 -15.85
C GLY B 197 9.95 -4.03 -14.62
N GLU B 198 9.26 -3.32 -13.72
CA GLU B 198 9.84 -2.71 -12.53
C GLU B 198 9.87 -3.73 -11.35
N VAL B 199 10.81 -3.53 -10.43
CA VAL B 199 10.85 -4.30 -9.19
C VAL B 199 10.34 -3.43 -8.03
N ASP B 200 9.43 -3.96 -7.22
CA ASP B 200 9.14 -3.42 -5.89
C ASP B 200 8.54 -4.51 -5.01
N VAL B 201 8.30 -4.20 -3.74
CA VAL B 201 7.93 -5.29 -2.82
C VAL B 201 6.56 -5.94 -3.15
N ARG B 202 5.74 -5.28 -3.95
CA ARG B 202 4.46 -5.86 -4.38
C ARG B 202 4.69 -7.22 -5.04
N SER B 203 5.76 -7.33 -5.84
CA SER B 203 6.00 -8.55 -6.61
C SER B 203 6.30 -9.73 -5.74
N ALA B 204 7.07 -9.51 -4.66
CA ALA B 204 7.39 -10.58 -3.73
C ALA B 204 6.12 -11.15 -3.09
N TYR B 205 5.20 -10.26 -2.71
CA TYR B 205 3.94 -10.70 -2.16
C TYR B 205 3.05 -11.41 -3.19
N CYS B 206 2.95 -10.83 -4.39
CA CYS B 206 2.12 -11.46 -5.44
C CYS B 206 2.65 -12.86 -5.69
N ALA B 207 3.97 -12.98 -5.84
CA ALA B 207 4.59 -14.30 -6.10
C ALA B 207 4.36 -15.27 -4.95
N ALA B 208 4.64 -14.82 -3.71
CA ALA B 208 4.50 -15.69 -2.53
C ALA B 208 3.04 -16.14 -2.34
N SER B 209 2.11 -15.22 -2.54
CA SER B 209 0.69 -15.53 -2.42
C SER B 209 0.25 -16.61 -3.42
N VAL B 210 0.50 -16.38 -4.71
CA VAL B 210 0.04 -17.36 -5.69
C VAL B 210 0.78 -18.71 -5.57
N ALA B 211 2.07 -18.68 -5.23
CA ALA B 211 2.88 -19.90 -5.18
C ALA B 211 2.49 -20.75 -3.98
N SER B 212 2.15 -20.11 -2.85
CA SER B 212 1.73 -20.87 -1.68
C SER B 212 0.32 -21.42 -1.85
N LEU B 213 -0.63 -20.61 -2.35
CA LEU B 213 -1.98 -21.13 -2.59
C LEU B 213 -2.01 -22.34 -3.54
N THR B 214 -1.20 -22.30 -4.59
CA THR B 214 -1.25 -23.33 -5.63
C THR B 214 -0.23 -24.43 -5.43
N ASN B 215 0.46 -24.43 -4.28
CA ASN B 215 1.48 -25.43 -3.98
C ASN B 215 2.54 -25.57 -5.09
N ILE B 216 3.17 -24.47 -5.47
CA ILE B 216 4.28 -24.53 -6.45
C ILE B 216 5.62 -23.99 -5.89
N ILE B 217 5.72 -23.85 -4.57
CA ILE B 217 6.98 -23.40 -3.96
C ILE B 217 8.09 -24.47 -4.02
N THR B 218 9.20 -24.09 -4.63
CA THR B 218 10.44 -24.87 -4.63
C THR B 218 11.42 -24.26 -3.61
N PRO B 219 12.44 -25.03 -3.15
CA PRO B 219 13.43 -24.50 -2.21
C PRO B 219 14.13 -23.24 -2.74
N ASP B 220 14.33 -23.24 -4.05
CA ASP B 220 15.01 -22.29 -4.89
C ASP B 220 14.27 -20.94 -5.09
N LEU B 221 12.95 -21.06 -5.23
CA LEU B 221 12.11 -19.99 -5.76
C LEU B 221 12.30 -18.68 -4.97
N PHE B 222 12.29 -18.78 -3.65
CA PHE B 222 12.39 -17.58 -2.80
C PHE B 222 13.75 -17.36 -2.13
N GLU B 223 14.78 -17.99 -2.67
CA GLU B 223 16.11 -17.78 -2.13
C GLU B 223 16.48 -16.30 -2.19
N GLY B 224 16.85 -15.75 -1.05
CA GLY B 224 17.24 -14.34 -0.95
C GLY B 224 16.07 -13.38 -0.80
N THR B 225 14.84 -13.86 -0.94
CA THR B 225 13.69 -12.95 -0.98
C THR B 225 13.41 -12.31 0.38
N ALA B 226 13.46 -13.12 1.44
CA ALA B 226 13.32 -12.61 2.81
C ALA B 226 14.34 -11.49 3.13
N GLU B 227 15.60 -11.73 2.78
CA GLU B 227 16.66 -10.73 2.99
C GLU B 227 16.40 -9.43 2.20
N TRP B 228 15.89 -9.56 0.97
CA TRP B 228 15.64 -8.38 0.16
C TRP B 228 14.49 -7.57 0.79
N ILE B 229 13.44 -8.28 1.22
CA ILE B 229 12.33 -7.58 1.89
C ILE B 229 12.82 -6.84 3.13
N ALA B 230 13.65 -7.49 3.92
CA ALA B 230 14.20 -6.85 5.11
C ALA B 230 14.98 -5.57 4.77
N ARG B 231 15.66 -5.56 3.62
CA ARG B 231 16.36 -4.35 3.18
C ARG B 231 15.39 -3.18 2.89
N CYS B 232 14.12 -3.50 2.61
CA CYS B 232 13.10 -2.49 2.36
C CYS B 232 12.52 -1.91 3.64
N GLN B 233 12.71 -2.57 4.78
CA GLN B 233 12.31 -1.91 6.05
C GLN B 233 13.27 -0.74 6.26
N ASN B 234 12.74 0.42 6.63
CA ASN B 234 13.57 1.61 6.76
C ASN B 234 13.63 2.14 8.21
N TRP B 235 14.27 3.30 8.38
CA TRP B 235 14.46 3.94 9.68
C TRP B 235 13.15 4.22 10.40
N GLU B 236 12.06 4.35 9.65
CA GLU B 236 10.73 4.62 10.27
C GLU B 236 10.13 3.37 10.91
N GLY B 237 10.53 2.20 10.41
CA GLY B 237 10.03 0.89 10.93
C GLY B 237 9.05 0.21 9.99
N GLY B 238 8.39 0.99 9.13
CA GLY B 238 7.61 0.37 8.07
C GLY B 238 8.52 0.02 6.89
N ILE B 239 7.87 -0.32 5.78
CA ILE B 239 8.61 -0.90 4.61
C ILE B 239 8.32 -0.04 3.37
N GLY B 240 9.37 0.29 2.62
CA GLY B 240 9.20 1.04 1.36
C GLY B 240 9.15 0.11 0.14
N GLY B 241 8.85 0.67 -1.03
CA GLY B 241 8.71 -0.14 -2.25
C GLY B 241 9.99 -0.85 -2.64
N VAL B 242 11.12 -0.19 -2.38
CA VAL B 242 12.45 -0.74 -2.63
C VAL B 242 13.36 -0.20 -1.52
N PRO B 243 14.53 -0.84 -1.31
CA PRO B 243 15.45 -0.30 -0.30
C PRO B 243 15.78 1.17 -0.47
N GLY B 244 15.67 1.94 0.64
CA GLY B 244 15.89 3.37 0.69
C GLY B 244 14.63 4.21 0.77
N MET B 245 13.51 3.64 0.29
CA MET B 245 12.30 4.41 0.08
C MET B 245 11.45 4.52 1.36
N GLU B 246 10.66 5.59 1.36
CA GLU B 246 9.76 5.94 2.46
C GLU B 246 8.79 4.80 2.82
N ALA B 247 8.59 4.59 4.13
CA ALA B 247 7.71 3.51 4.56
C ALA B 247 6.26 3.82 4.14
N HIS B 248 5.59 2.82 3.58
CA HIS B 248 4.24 3.01 3.09
C HIS B 248 3.37 1.80 3.44
N GLY B 249 2.14 2.06 3.88
CA GLY B 249 1.24 0.95 4.28
C GLY B 249 1.04 -0.16 3.23
N GLY B 250 0.89 0.23 1.97
CA GLY B 250 0.69 -0.77 0.92
C GLY B 250 1.88 -1.71 0.80
N TYR B 251 3.08 -1.14 0.76
CA TYR B 251 4.28 -1.94 0.64
C TYR B 251 4.62 -2.69 1.93
N THR B 252 4.24 -2.11 3.08
CA THR B 252 4.43 -2.78 4.39
C THR B 252 3.56 -4.00 4.52
N PHE B 253 2.29 -3.88 4.12
CA PHE B 253 1.46 -5.05 4.06
C PHE B 253 2.10 -6.13 3.17
N CYS B 254 2.42 -5.78 1.93
CA CYS B 254 3.05 -6.76 1.01
C CYS B 254 4.28 -7.42 1.62
N GLY B 255 5.16 -6.61 2.20
CA GLY B 255 6.43 -7.13 2.77
C GLY B 255 6.16 -8.11 3.91
N LEU B 256 5.34 -7.70 4.87
CA LEU B 256 5.10 -8.57 6.02
C LEU B 256 4.31 -9.82 5.67
N ALA B 257 3.31 -9.68 4.81
CA ALA B 257 2.52 -10.84 4.40
C ALA B 257 3.40 -11.87 3.63
N ALA B 258 4.28 -11.37 2.78
CA ALA B 258 5.18 -12.27 2.05
C ALA B 258 6.09 -13.03 3.02
N LEU B 259 6.61 -12.31 4.01
CA LEU B 259 7.48 -12.92 5.04
C LEU B 259 6.72 -13.92 5.89
N VAL B 260 5.45 -13.63 6.18
CA VAL B 260 4.62 -14.63 6.92
C VAL B 260 4.46 -15.91 6.11
N ILE B 261 4.18 -15.77 4.81
CA ILE B 261 4.10 -16.95 3.94
C ILE B 261 5.42 -17.74 3.95
N LEU B 262 6.54 -17.03 3.90
CA LEU B 262 7.86 -17.66 3.85
C LEU B 262 8.36 -18.15 5.22
N LYS B 263 7.60 -17.84 6.27
CA LYS B 263 7.96 -18.08 7.68
C LYS B 263 9.29 -17.44 8.04
N ARG B 264 9.46 -16.20 7.57
CA ARG B 264 10.68 -15.46 7.80
C ARG B 264 10.41 -14.07 8.42
N GLU B 265 9.29 -13.93 9.15
CA GLU B 265 8.93 -12.64 9.77
C GLU B 265 10.03 -12.09 10.67
N ARG B 266 10.78 -12.98 11.31
CA ARG B 266 11.86 -12.57 12.22
C ARG B 266 13.03 -11.85 11.53
N SER B 267 13.03 -11.87 10.20
CA SER B 267 14.01 -11.10 9.43
C SER B 267 13.84 -9.60 9.63
N LEU B 268 12.63 -9.19 10.06
CA LEU B 268 12.35 -7.77 10.33
C LEU B 268 12.55 -7.41 11.79
N ASN B 269 12.68 -6.11 12.02
CA ASN B 269 12.57 -5.56 13.35
C ASN B 269 11.07 -5.38 13.59
N LEU B 270 10.48 -6.31 14.33
CA LEU B 270 9.02 -6.26 14.55
C LEU B 270 8.63 -5.17 15.53
N LYS B 271 9.55 -4.81 16.44
CA LYS B 271 9.32 -3.68 17.38
C LYS B 271 9.10 -2.36 16.65
N SER B 272 10.00 -2.03 15.73
CA SER B 272 9.89 -0.75 15.03
C SER B 272 8.72 -0.77 14.05
N LEU B 273 8.43 -1.95 13.50
CA LEU B 273 7.27 -2.10 12.59
C LEU B 273 5.95 -1.88 13.33
N LEU B 274 5.79 -2.57 14.46
CA LEU B 274 4.61 -2.41 15.31
C LEU B 274 4.42 -0.94 15.70
N GLN B 275 5.49 -0.28 16.15
CA GLN B 275 5.36 1.11 16.59
C GLN B 275 4.97 2.00 15.40
N TRP B 276 5.53 1.74 14.22
CA TRP B 276 5.20 2.52 13.03
C TRP B 276 3.75 2.33 12.60
N VAL B 277 3.28 1.09 12.48
CA VAL B 277 1.91 0.90 11.97
C VAL B 277 0.86 1.50 12.93
N THR B 278 1.05 1.24 14.22
CA THR B 278 0.06 1.75 15.20
C THR B 278 0.03 3.29 15.16
N SER B 279 1.17 3.92 14.89
CA SER B 279 1.26 5.37 14.69
C SER B 279 0.52 5.89 13.48
N ARG B 280 0.20 5.01 12.52
CA ARG B 280 -0.50 5.42 11.30
C ARG B 280 -2.01 5.59 11.48
N GLN B 281 -2.56 5.12 12.62
CA GLN B 281 -3.98 5.38 12.91
C GLN B 281 -4.14 6.82 13.33
N MET B 282 -5.09 7.53 12.71
CA MET B 282 -5.26 8.98 12.92
C MET B 282 -6.06 9.24 14.18
N ARG B 283 -5.48 10.00 15.11
CA ARG B 283 -6.16 10.26 16.40
C ARG B 283 -7.53 10.87 16.22
N PHE B 284 -7.71 11.73 15.23
CA PHE B 284 -9.02 12.38 15.10
C PHE B 284 -9.99 11.56 14.23
N GLU B 285 -9.54 11.24 13.02
CA GLU B 285 -10.38 10.56 12.03
C GLU B 285 -10.69 9.12 12.40
N GLY B 286 -9.76 8.43 13.07
CA GLY B 286 -9.99 7.03 13.47
C GLY B 286 -9.55 6.04 12.38
N GLY B 287 -9.46 6.50 11.13
CA GLY B 287 -8.94 5.66 10.01
C GLY B 287 -7.42 5.71 9.96
N PHE B 288 -6.82 5.08 8.94
CA PHE B 288 -5.37 5.08 8.82
C PHE B 288 -4.89 5.92 7.66
N GLN B 289 -3.69 6.51 7.81
CA GLN B 289 -2.96 7.15 6.69
C GLN B 289 -1.98 6.12 6.13
N GLY B 290 -1.51 6.37 4.90
CA GLY B 290 -0.60 5.42 4.22
C GLY B 290 0.85 5.65 4.61
N ARG B 291 1.18 6.88 5.00
CA ARG B 291 2.53 7.21 5.46
C ARG B 291 2.45 8.42 6.36
N CYS B 292 3.51 8.65 7.12
CA CYS B 292 3.51 9.72 8.13
C CYS B 292 3.23 11.06 7.46
N ASN B 293 2.37 11.85 8.09
CA ASN B 293 2.09 13.22 7.62
C ASN B 293 1.37 13.28 6.27
N LYS B 294 0.68 12.19 5.90
CA LYS B 294 -0.27 12.28 4.77
C LYS B 294 -1.69 12.02 5.28
N LEU B 295 -2.65 11.93 4.37
CA LEU B 295 -4.06 11.93 4.73
C LEU B 295 -4.66 10.54 4.96
N VAL B 296 -5.67 10.50 5.83
CA VAL B 296 -6.48 9.30 6.05
C VAL B 296 -7.11 8.81 4.75
N ASP B 297 -7.31 7.50 4.63
CA ASP B 297 -7.90 6.91 3.43
C ASP B 297 -8.46 5.55 3.84
N GLY B 298 -9.73 5.34 3.55
CA GLY B 298 -10.39 4.07 3.81
C GLY B 298 -9.70 2.80 3.31
N CYS B 299 -8.96 2.85 2.21
CA CYS B 299 -8.32 1.60 1.77
C CYS B 299 -7.22 1.13 2.74
N TYR B 300 -6.63 2.08 3.49
CA TYR B 300 -5.63 1.70 4.52
C TYR B 300 -6.23 0.98 5.71
N SER B 301 -7.56 0.95 5.80
CA SER B 301 -8.26 0.13 6.78
C SER B 301 -7.83 -1.32 6.60
N PHE B 302 -7.49 -1.69 5.35
CA PHE B 302 -6.89 -2.99 5.14
C PHE B 302 -5.35 -3.01 5.17
N TRP B 303 -4.70 -2.21 4.33
CA TRP B 303 -3.23 -2.35 4.18
C TRP B 303 -2.52 -2.08 5.51
N GLN B 304 -3.00 -1.10 6.27
CA GLN B 304 -2.37 -0.81 7.57
C GLN B 304 -2.95 -1.69 8.68
N ALA B 305 -4.26 -1.67 8.87
CA ALA B 305 -4.80 -2.40 10.03
C ALA B 305 -4.59 -3.92 9.90
N GLY B 306 -4.56 -4.43 8.66
CA GLY B 306 -4.26 -5.86 8.40
C GLY B 306 -2.86 -6.31 8.86
N LEU B 307 -1.95 -5.35 9.04
CA LEU B 307 -0.66 -5.64 9.66
C LEU B 307 -0.78 -6.09 11.12
N LEU B 308 -1.80 -5.64 11.85
CA LEU B 308 -1.89 -6.04 13.25
C LEU B 308 -2.17 -7.55 13.49
N PRO B 309 -3.13 -8.17 12.76
CA PRO B 309 -3.23 -9.64 12.92
C PRO B 309 -1.97 -10.37 12.49
N LEU B 310 -1.24 -9.83 11.51
CA LEU B 310 0.02 -10.47 11.07
C LEU B 310 1.09 -10.39 12.15
N LEU B 311 1.22 -9.21 12.74
CA LEU B 311 2.15 -8.98 13.86
C LEU B 311 1.75 -9.79 15.09
N HIS B 312 0.46 -9.88 15.38
CA HIS B 312 -0.01 -10.73 16.48
C HIS B 312 0.45 -12.19 16.30
N ARG B 313 0.22 -12.74 15.10
CA ARG B 313 0.65 -14.10 14.81
C ARG B 313 2.16 -14.25 14.97
N ALA B 314 2.93 -13.31 14.41
CA ALA B 314 4.39 -13.34 14.46
C ALA B 314 4.91 -13.33 15.90
N LEU B 315 4.36 -12.43 16.72
CA LEU B 315 4.80 -12.30 18.10
C LEU B 315 4.37 -13.49 18.92
N HIS B 316 3.19 -14.02 18.65
CA HIS B 316 2.65 -15.21 19.31
C HIS B 316 3.53 -16.43 19.05
N ALA B 317 4.01 -16.54 17.81
CA ALA B 317 4.95 -17.61 17.42
C ALA B 317 6.24 -17.56 18.23
N GLN B 318 6.60 -16.36 18.69
CA GLN B 318 7.79 -16.15 19.52
C GLN B 318 7.51 -16.29 21.03
N GLY B 319 6.29 -16.66 21.39
CA GLY B 319 5.95 -16.88 22.80
C GLY B 319 5.71 -15.62 23.62
N ASP B 320 5.51 -14.48 22.96
CA ASP B 320 5.29 -13.18 23.62
C ASP B 320 4.20 -13.26 24.70
N PRO B 321 4.60 -13.15 25.98
CA PRO B 321 3.66 -13.34 27.07
C PRO B 321 2.73 -12.12 27.29
N ALA B 322 3.02 -11.00 26.61
CA ALA B 322 2.27 -9.75 26.81
C ALA B 322 1.14 -9.50 25.81
N LEU B 323 1.00 -10.37 24.80
CA LEU B 323 -0.05 -10.18 23.79
C LEU B 323 -1.46 -10.29 24.34
N SER B 324 -2.34 -9.43 23.84
CA SER B 324 -3.76 -9.48 24.18
C SER B 324 -4.37 -10.80 23.70
N MET B 325 -5.36 -11.27 24.45
CA MET B 325 -6.13 -12.43 24.07
C MET B 325 -7.52 -12.05 23.58
N SER B 326 -7.76 -10.77 23.31
CA SER B 326 -9.09 -10.32 22.91
C SER B 326 -9.15 -9.23 21.83
N HIS B 327 -8.04 -8.50 21.65
CA HIS B 327 -8.01 -7.34 20.75
C HIS B 327 -6.75 -7.26 19.89
N TRP B 328 -6.90 -6.69 18.68
CA TRP B 328 -5.73 -6.33 17.89
C TRP B 328 -5.14 -5.06 18.49
N MET B 329 -3.86 -4.79 18.22
CA MET B 329 -3.23 -3.60 18.76
C MET B 329 -3.49 -2.35 17.92
N PHE B 330 -4.75 -2.11 17.60
CA PHE B 330 -5.17 -0.80 17.07
C PHE B 330 -6.54 -0.53 17.63
N HIS B 331 -7.06 0.66 17.39
CA HIS B 331 -8.37 1.02 17.97
C HIS B 331 -9.45 0.47 17.05
N GLN B 332 -9.97 -0.71 17.39
CA GLN B 332 -10.93 -1.39 16.51
C GLN B 332 -12.22 -0.59 16.35
N GLN B 333 -12.67 -0.01 17.46
CA GLN B 333 -13.89 0.76 17.41
C GLN B 333 -13.72 2.01 16.56
N ALA B 334 -12.65 2.76 16.76
CA ALA B 334 -12.49 4.02 15.99
C ALA B 334 -12.38 3.73 14.48
N LEU B 335 -11.76 2.61 14.13
CA LEU B 335 -11.65 2.29 12.70
C LEU B 335 -13.05 1.99 12.13
N GLN B 336 -13.85 1.22 12.88
CA GLN B 336 -15.22 0.92 12.44
C GLN B 336 -16.05 2.21 12.31
N GLU B 337 -15.83 3.15 13.21
CA GLU B 337 -16.52 4.44 13.16
C GLU B 337 -16.16 5.23 11.91
N TYR B 338 -14.86 5.31 11.60
CA TYR B 338 -14.40 5.97 10.39
C TYR B 338 -15.02 5.35 9.13
N ILE B 339 -15.00 4.02 9.04
CA ILE B 339 -15.52 3.34 7.84
C ILE B 339 -17.04 3.54 7.72
N LEU B 340 -17.75 3.30 8.81
CA LEU B 340 -19.22 3.33 8.75
C LEU B 340 -19.77 4.74 8.56
N MET B 341 -19.17 5.73 9.21
CA MET B 341 -19.67 7.12 9.11
C MET B 341 -19.11 7.90 7.95
N CYS B 342 -17.86 7.59 7.54
CA CYS B 342 -17.20 8.46 6.57
C CYS B 342 -16.98 7.82 5.20
N CYS B 343 -17.01 6.49 5.10
CA CYS B 343 -16.55 5.82 3.86
C CYS B 343 -17.66 5.14 3.07
N GLN B 344 -18.92 5.33 3.45
CA GLN B 344 -19.99 4.75 2.68
C GLN B 344 -20.61 5.76 1.74
N CYS B 345 -20.77 5.38 0.48
CA CYS B 345 -21.53 6.18 -0.48
C CYS B 345 -23.00 5.84 -0.29
N PRO B 346 -23.88 6.87 -0.10
CA PRO B 346 -25.30 6.53 0.10
C PRO B 346 -25.92 5.82 -1.11
N ALA B 347 -25.34 5.94 -2.29
CA ALA B 347 -25.80 5.20 -3.48
C ALA B 347 -25.22 3.76 -3.56
N GLY B 348 -24.40 3.39 -2.57
CA GLY B 348 -23.77 2.07 -2.53
C GLY B 348 -22.31 2.19 -2.95
N GLY B 349 -21.48 1.30 -2.43
CA GLY B 349 -20.02 1.39 -2.64
C GLY B 349 -19.37 2.15 -1.50
N LEU B 350 -18.05 2.01 -1.38
CA LEU B 350 -17.32 2.70 -0.35
C LEU B 350 -16.19 3.48 -0.98
N LEU B 351 -15.54 4.30 -0.15
CA LEU B 351 -14.67 5.31 -0.68
C LEU B 351 -13.51 5.63 0.24
N ASP B 352 -12.58 6.42 -0.31
CA ASP B 352 -11.35 6.89 0.36
C ASP B 352 -11.68 7.78 1.57
N LYS B 353 -12.37 8.91 1.32
CA LYS B 353 -12.72 9.83 2.39
C LYS B 353 -13.92 10.64 1.89
N PRO B 354 -14.65 11.31 2.80
CA PRO B 354 -15.81 12.12 2.34
C PRO B 354 -15.42 13.08 1.20
N GLY B 355 -16.23 13.12 0.15
CA GLY B 355 -15.94 13.99 -0.99
C GLY B 355 -15.35 13.28 -2.20
N LYS B 356 -14.88 12.05 -1.99
CA LYS B 356 -14.34 11.24 -3.07
C LYS B 356 -15.43 10.39 -3.69
N SER B 357 -15.17 9.89 -4.89
CA SER B 357 -16.09 9.02 -5.63
C SER B 357 -15.95 7.57 -5.17
N ARG B 358 -17.04 6.83 -5.13
CA ARG B 358 -16.95 5.38 -4.87
C ARG B 358 -16.17 4.70 -5.97
N ASP B 359 -15.60 3.55 -5.65
CA ASP B 359 -15.00 2.69 -6.67
C ASP B 359 -14.87 1.28 -6.10
N PHE B 360 -14.68 0.27 -6.96
CA PHE B 360 -14.65 -1.12 -6.49
C PHE B 360 -13.44 -1.45 -5.63
N TYR B 361 -12.34 -0.74 -5.87
CA TYR B 361 -11.13 -0.96 -5.06
C TYR B 361 -11.37 -0.52 -3.60
N HIS B 362 -11.89 0.69 -3.40
CA HIS B 362 -12.13 1.15 -2.03
C HIS B 362 -13.27 0.35 -1.39
N THR B 363 -14.19 -0.14 -2.22
CA THR B 363 -15.26 -1.02 -1.70
C THR B 363 -14.65 -2.28 -1.12
N CYS B 364 -13.71 -2.89 -1.87
CA CYS B 364 -13.05 -4.10 -1.46
C CYS B 364 -12.27 -3.85 -0.15
N TYR B 365 -11.41 -2.83 -0.13
CA TYR B 365 -10.49 -2.71 1.03
C TYR B 365 -11.13 -2.08 2.28
N CYS B 366 -12.10 -1.18 2.10
CA CYS B 366 -12.83 -0.67 3.27
C CYS B 366 -13.56 -1.82 3.96
N LEU B 367 -14.22 -2.68 3.18
CA LEU B 367 -14.93 -3.83 3.76
C LEU B 367 -13.96 -4.83 4.37
N SER B 368 -12.83 -5.08 3.68
CA SER B 368 -11.83 -5.97 4.28
C SER B 368 -11.35 -5.44 5.62
N GLY B 369 -11.06 -4.13 5.68
CA GLY B 369 -10.59 -3.54 6.93
C GLY B 369 -11.67 -3.59 8.01
N LEU B 370 -12.91 -3.34 7.62
CA LEU B 370 -14.04 -3.46 8.57
C LEU B 370 -14.09 -4.86 9.21
N SER B 371 -13.94 -5.91 8.40
CA SER B 371 -13.98 -7.27 8.89
C SER B 371 -12.83 -7.55 9.85
N ILE B 372 -11.61 -7.08 9.52
CA ILE B 372 -10.49 -7.21 10.45
C ILE B 372 -10.82 -6.55 11.78
N ALA B 373 -11.38 -5.33 11.72
CA ALA B 373 -11.70 -4.56 12.93
C ALA B 373 -12.78 -5.25 13.80
N GLN B 374 -13.66 -6.01 13.16
CA GLN B 374 -14.77 -6.68 13.85
C GLN B 374 -14.35 -8.00 14.51
N HIS B 375 -13.32 -8.65 13.98
CA HIS B 375 -13.02 -10.03 14.36
C HIS B 375 -11.61 -10.25 14.86
N PHE B 376 -11.48 -10.61 16.13
CA PHE B 376 -10.21 -11.05 16.68
C PHE B 376 -10.23 -12.55 16.82
N GLY B 377 -9.11 -13.17 16.45
CA GLY B 377 -8.93 -14.60 16.64
C GLY B 377 -7.47 -14.91 16.88
N SER B 378 -7.20 -15.77 17.86
CA SER B 378 -5.83 -16.21 18.13
C SER B 378 -5.91 -17.49 18.94
N GLY B 379 -5.46 -18.60 18.33
CA GLY B 379 -5.56 -19.91 18.96
C GLY B 379 -7.03 -20.30 19.05
N ALA B 380 -7.48 -20.61 20.26
CA ALA B 380 -8.87 -20.96 20.52
C ALA B 380 -9.69 -19.73 20.94
N MET B 381 -9.00 -18.61 21.20
CA MET B 381 -9.65 -17.37 21.64
C MET B 381 -10.25 -16.63 20.47
N LEU B 382 -11.56 -16.37 20.53
CA LEU B 382 -12.27 -15.56 19.53
C LEU B 382 -13.04 -14.45 20.22
N HIS B 383 -12.89 -13.21 19.73
CA HIS B 383 -13.59 -12.09 20.35
C HIS B 383 -14.04 -11.10 19.27
N ASP B 384 -15.35 -10.94 19.13
CA ASP B 384 -15.90 -10.04 18.12
C ASP B 384 -16.32 -8.73 18.74
N VAL B 385 -16.13 -7.64 17.98
CA VAL B 385 -16.58 -6.31 18.35
C VAL B 385 -17.26 -5.76 17.11
N VAL B 386 -18.57 -5.93 17.04
CA VAL B 386 -19.34 -5.47 15.87
C VAL B 386 -20.09 -4.19 16.26
N LEU B 387 -19.57 -3.05 15.82
CA LEU B 387 -20.19 -1.79 16.13
C LEU B 387 -21.48 -1.64 15.35
N GLY B 388 -22.50 -1.06 15.99
CA GLY B 388 -23.76 -0.73 15.29
C GLY B 388 -24.75 -1.88 15.32
N VAL B 389 -25.65 -1.92 14.36
CA VAL B 389 -26.62 -3.01 14.28
C VAL B 389 -25.91 -4.35 14.06
N PRO B 390 -26.41 -5.45 14.67
CA PRO B 390 -25.71 -6.75 14.57
C PRO B 390 -25.50 -7.23 13.14
N GLU B 391 -26.38 -6.78 12.24
CA GLU B 391 -26.31 -7.15 10.83
C GLU B 391 -25.06 -6.61 10.14
N ASN B 392 -24.38 -5.68 10.79
CA ASN B 392 -23.11 -5.12 10.26
C ASN B 392 -21.98 -6.17 10.18
N ALA B 393 -22.10 -7.26 10.93
CA ALA B 393 -21.05 -8.29 10.99
C ALA B 393 -20.77 -8.82 9.59
N LEU B 394 -19.50 -8.75 9.18
CA LEU B 394 -19.07 -9.30 7.90
C LEU B 394 -18.47 -10.69 8.06
N GLN B 395 -18.28 -11.38 6.94
CA GLN B 395 -17.55 -12.61 6.99
C GLN B 395 -16.08 -12.29 7.27
N PRO B 396 -15.37 -13.22 7.95
CA PRO B 396 -13.96 -12.98 8.25
C PRO B 396 -13.10 -13.04 6.99
N THR B 397 -11.96 -12.38 7.04
CA THR B 397 -11.01 -12.44 5.92
C THR B 397 -9.67 -12.96 6.46
N HIS B 398 -8.92 -13.67 5.63
CA HIS B 398 -7.60 -14.13 6.01
C HIS B 398 -6.61 -12.95 5.85
N PRO B 399 -5.83 -12.61 6.90
CA PRO B 399 -5.01 -11.39 6.84
C PRO B 399 -3.80 -11.47 5.91
N VAL B 400 -3.39 -12.67 5.53
CA VAL B 400 -2.32 -12.84 4.55
C VAL B 400 -2.85 -12.69 3.12
N TYR B 401 -3.88 -13.45 2.80
CA TYR B 401 -4.36 -13.55 1.41
C TYR B 401 -5.49 -12.58 1.06
N ASN B 402 -6.18 -12.08 2.08
CA ASN B 402 -7.40 -11.28 1.90
C ASN B 402 -8.45 -11.94 1.01
N ILE B 403 -8.71 -13.21 1.28
CA ILE B 403 -9.92 -13.91 0.86
C ILE B 403 -10.40 -14.65 2.11
N GLY B 404 -11.59 -15.24 2.08
CA GLY B 404 -12.10 -15.94 3.28
C GLY B 404 -11.17 -17.05 3.78
N PRO B 405 -11.02 -17.21 5.11
CA PRO B 405 -10.15 -18.26 5.61
C PRO B 405 -10.62 -19.66 5.17
N ASP B 406 -11.93 -19.84 5.06
CA ASP B 406 -12.50 -21.05 4.45
C ASP B 406 -11.96 -21.31 3.04
N LYS B 407 -11.90 -20.24 2.23
CA LYS B 407 -11.39 -20.34 0.84
C LYS B 407 -9.89 -20.70 0.81
N VAL B 408 -9.13 -20.11 1.74
CA VAL B 408 -7.69 -20.45 1.85
C VAL B 408 -7.52 -21.95 2.14
N ILE B 409 -8.28 -22.45 3.10
CA ILE B 409 -8.10 -23.85 3.52
C ILE B 409 -8.50 -24.77 2.38
N GLN B 410 -9.62 -24.47 1.73
CA GLN B 410 -10.12 -25.30 0.65
C GLN B 410 -9.14 -25.32 -0.54
N ALA B 411 -8.63 -24.15 -0.94
CA ALA B 411 -7.67 -24.11 -2.05
C ALA B 411 -6.36 -24.80 -1.69
N THR B 412 -5.83 -24.49 -0.51
CA THR B 412 -4.52 -25.05 -0.14
C THR B 412 -4.62 -26.56 -0.04
N THR B 413 -5.72 -27.06 0.53
CA THR B 413 -5.95 -28.50 0.62
C THR B 413 -6.02 -29.15 -0.77
N TYR B 414 -6.78 -28.55 -1.68
CA TYR B 414 -6.90 -29.03 -3.05
C TYR B 414 -5.54 -29.11 -3.75
N PHE B 415 -4.79 -28.01 -3.74
CA PHE B 415 -3.53 -27.99 -4.47
C PHE B 415 -2.41 -28.81 -3.81
N LEU B 416 -2.48 -28.99 -2.49
CA LEU B 416 -1.49 -29.82 -1.80
C LEU B 416 -1.55 -31.28 -2.29
N GLN B 417 -2.68 -31.65 -2.88
CA GLN B 417 -2.85 -32.96 -3.50
C GLN B 417 -2.15 -33.13 -4.86
N LYS B 418 -1.58 -32.05 -5.38
CA LYS B 418 -0.87 -32.09 -6.67
C LYS B 418 0.63 -31.92 -6.42
N PRO B 419 1.48 -32.51 -7.27
CA PRO B 419 2.91 -32.32 -7.03
C PRO B 419 3.35 -30.90 -7.37
N VAL B 420 4.45 -30.44 -6.79
CA VAL B 420 5.10 -29.22 -7.24
C VAL B 420 5.62 -29.53 -8.66
N PRO B 421 5.27 -28.68 -9.65
CA PRO B 421 5.53 -29.03 -11.07
C PRO B 421 7.00 -29.33 -11.39
N GLY B 422 7.28 -30.57 -11.80
CA GLY B 422 8.62 -31.00 -12.22
C GLY B 422 9.62 -31.10 -11.08
N PHE B 423 9.11 -31.15 -9.86
CA PHE B 423 9.97 -31.13 -8.68
C PHE B 423 9.46 -32.13 -7.66
N GLU B 424 10.31 -33.06 -7.24
CA GLU B 424 9.87 -34.08 -6.30
C GLU B 424 10.32 -33.80 -4.86
C1 GLC C . 16.54 -0.40 8.36
C2 GLC C . 17.21 -0.18 6.99
C3 GLC C . 18.68 0.24 7.19
C4 GLC C . 18.76 1.48 8.08
C5 GLC C . 18.00 1.24 9.41
C6 GLC C . 17.90 2.48 10.30
O2 GLC C . 17.10 -1.38 6.22
O3 GLC C . 19.26 0.54 5.93
O4 GLC C . 20.15 1.76 8.36
O5 GLC C . 16.61 0.81 9.16
O6 GLC C . 17.33 2.10 11.58
C1 FRU C . 15.95 -3.56 8.60
C2 FRU C . 16.26 -2.43 9.63
C3 FRU C . 16.90 -2.93 10.94
C4 FRU C . 16.51 -1.78 11.88
C5 FRU C . 15.05 -1.58 11.49
C6 FRU C . 14.65 -0.13 11.81
O1 FRU C . 15.14 -4.63 9.09
O2 FRU C . 17.17 -1.50 9.00
O3 FRU C . 18.34 -3.02 10.83
O4 FRU C . 16.61 -2.20 13.25
O5 FRU C . 15.04 -1.74 10.04
O6 FRU C . 13.27 0.09 11.48
C ACT D . 11.09 1.52 -11.95
O ACT D . 10.52 2.55 -12.38
OXT ACT D . 11.72 0.71 -12.67
CH3 ACT D . 11.03 1.28 -10.47
C ACT E . 0.60 7.17 -7.10
O ACT E . 1.51 8.00 -6.92
OXT ACT E . 0.72 6.16 -7.83
CH3 ACT E . -0.75 7.42 -6.42
ZN ZN F . -7.35 4.66 -1.02
C ACT G . -2.18 3.51 -3.72
O ACT G . -1.86 4.63 -4.19
OXT ACT G . -1.94 2.42 -4.29
CH3 ACT G . -2.95 3.49 -2.41
C ACT H . -13.32 10.06 -22.00
O ACT H . -14.22 10.92 -21.85
OXT ACT H . -13.53 8.91 -22.43
CH3 ACT H . -11.89 10.47 -21.63
C ACT I . -11.65 7.58 -25.39
O ACT I . -11.78 8.21 -26.47
OXT ACT I . -12.20 6.49 -25.16
CH3 ACT I . -10.79 8.20 -24.30
CAB S48 J . 0.08 4.22 -10.06
NBJ S48 J . -0.48 3.36 -8.96
CAR S48 J . -1.05 2.19 -9.19
CAP S48 J . -0.47 3.61 -7.64
NAX S48 J . -1.07 2.58 -7.01
CBE S48 J . -1.42 1.74 -7.99
SBL S48 J . -2.21 0.23 -7.78
OAE S48 J . -1.30 -0.70 -7.04
OAF S48 J . -2.56 -0.32 -9.16
N S48 J . -3.65 0.33 -7.02
CA S48 J . -3.58 -0.19 -5.64
C S48 J . -4.04 -1.65 -5.84
O S48 J . -4.46 -2.01 -6.94
OAY S48 J . -3.98 -2.52 -4.81
CAA S48 J . -4.57 -3.81 -4.97
CBG S48 J . -4.50 1.49 -7.33
CAV S48 J . -4.52 2.58 -6.27
CAS S48 J . -5.93 0.90 -7.55
CBC S48 J . -7.01 1.98 -7.63
CAQ S48 J . -8.23 1.63 -8.24
CBB S48 J . -9.29 2.56 -8.32
CBA S48 J . -10.52 2.22 -8.95
CAJ S48 J . -11.03 0.91 -8.99
CAH S48 J . -12.23 0.62 -9.67
CAG S48 J . -12.92 1.63 -10.35
CAI S48 J . -12.40 2.93 -10.35
CAK S48 J . -11.22 3.22 -9.66
CAL S48 J . -9.06 3.85 -7.83
CAM S48 J . -7.83 4.21 -7.25
CBF S48 J . -6.79 3.27 -7.17
NBH S48 J . -5.52 3.60 -6.60
CAU S48 J . -5.19 5.01 -6.31
CBD S48 J . -5.51 5.32 -4.85
CAN S48 J . -6.20 4.54 -4.00
NAW S48 J . -6.26 5.15 -2.81
CAO S48 J . -5.62 6.32 -2.91
NBK S48 J . -5.16 6.41 -4.16
CAC S48 J . -4.34 7.57 -4.70
C1 FII K . -0.75 -4.62 -5.96
C2 FII K . -0.76 -5.14 -4.53
C6 FII K . -0.80 -6.64 -4.28
C10 FII K . -0.75 -4.25 -3.46
C11 FII K . -0.73 -2.85 -3.58
C12 FII K . -0.12 -2.22 -2.35
C15 FII K . -0.19 -0.68 -2.32
C18 FII K . -1.49 0.03 -1.95
C22 FII K . 0.96 0.05 -2.57
C23 FII K . 1.10 1.45 -2.56
C24 FII K . 1.92 1.88 -3.80
C27 FII K . 2.10 3.41 -4.03
C30 FII K . 2.60 3.85 -5.41
C34 FII K . 1.86 4.37 -3.05
C35 FII K . 1.97 5.78 -3.18
O36 FII K . 0.63 6.32 -3.29
N42 FII K . 0.64 7.66 -3.42
C43 FII K . -0.23 8.47 -2.84
O44 FII K . -0.19 9.68 -3.00
C45 FII K . -1.32 7.84 -1.96
P46 FII K . -0.99 8.31 -0.23
O49 FII K . 0.50 7.76 -0.01
O50 FII K . -0.94 9.89 -0.13
O51 FII K . -2.06 7.72 0.63
#